data_2BFP
#
_entry.id   2BFP
#
_cell.length_a   94.103
_cell.length_b   103.566
_cell.length_c   137.434
_cell.angle_alpha   90.00
_cell.angle_beta   90.00
_cell.angle_gamma   90.00
#
_symmetry.space_group_name_H-M   'P 21 21 21'
#
loop_
_entity.id
_entity.type
_entity.pdbx_description
1 polymer 'PTERIDINE REDUCTASE 1'
2 non-polymer 'NADP NICOTINAMIDE-ADENINE-DINUCLEOTIDE PHOSPHATE'
3 non-polymer 5,6,7,8-TETRAHYDROBIOPTERIN
4 non-polymer 1,2-ETHANEDIOL
5 water water
#
_entity_poly.entity_id   1
_entity_poly.type   'polypeptide(L)'
_entity_poly.pdbx_seq_one_letter_code
;MTAPTVPVALVTGAAKRLGRSIAEGLHAEGYAVCLHYHRSAAEANALSATLNARRPNSAITVQADLSNVATAPVSGADGS
APVTLFTRCAELVAACYTHWGRCDVLVNNASSFYPTPLLRNDEDGHEPCVGDREAMETATADLFGSNAIAPYFLIKAFAH
RVAGTPAKHRGTNYSIINMVDAMTNQPLLGYTIYTMAKGALEGLTRSAALELAPLQIRVNGVGPGLSVLVDDMPPAVWEG
HRSKVPLYQRDSSAAEVSDVVIFLCSSKAKYITGTCVKVDGGYSLTRA
;
_entity_poly.pdbx_strand_id   A,B,C,D
#
loop_
_chem_comp.id
_chem_comp.type
_chem_comp.name
_chem_comp.formula
EDO non-polymer 1,2-ETHANEDIOL 'C2 H6 O2'
H4B non-polymer 5,6,7,8-TETRAHYDROBIOPTERIN 'C9 H15 N5 O3'
NAP non-polymer 'NADP NICOTINAMIDE-ADENINE-DINUCLEOTIDE PHOSPHATE' 'C21 H28 N7 O17 P3'
#
# COMPACT_ATOMS: atom_id res chain seq x y z
N VAL A 6 -34.77 12.20 11.47
CA VAL A 6 -34.42 10.77 11.72
C VAL A 6 -33.83 10.04 10.51
N PRO A 7 -32.50 9.91 10.50
CA PRO A 7 -31.80 9.26 9.38
C PRO A 7 -31.98 7.74 9.33
N VAL A 8 -31.87 7.20 8.13
CA VAL A 8 -32.06 5.78 7.90
C VAL A 8 -30.78 5.05 7.49
N ALA A 9 -30.51 3.90 8.11
CA ALA A 9 -29.34 3.14 7.73
C ALA A 9 -29.76 1.78 7.19
N LEU A 10 -29.16 1.35 6.10
CA LEU A 10 -29.40 0.00 5.58
C LEU A 10 -28.15 -0.82 5.92
N VAL A 11 -28.31 -1.88 6.70
CA VAL A 11 -27.17 -2.73 7.07
C VAL A 11 -27.36 -4.16 6.57
N THR A 12 -26.53 -4.63 5.63
CA THR A 12 -26.65 -6.00 5.12
C THR A 12 -26.02 -7.02 6.10
N GLY A 13 -26.57 -8.23 6.14
CA GLY A 13 -26.11 -9.25 7.07
C GLY A 13 -26.13 -8.71 8.49
N ALA A 14 -27.26 -8.10 8.85
CA ALA A 14 -27.42 -7.45 10.15
C ALA A 14 -27.90 -8.33 11.30
N ALA A 15 -28.19 -9.60 11.03
CA ALA A 15 -28.76 -10.50 12.03
C ALA A 15 -27.90 -10.83 13.24
N LYS A 16 -26.60 -10.98 13.04
CA LYS A 16 -25.74 -11.32 14.16
C LYS A 16 -24.35 -10.73 14.05
N ARG A 17 -23.51 -11.06 15.02
CA ARG A 17 -22.10 -10.67 15.06
C ARG A 17 -21.83 -9.19 14.76
N LEU A 18 -20.90 -8.88 13.85
CA LEU A 18 -20.55 -7.50 13.52
C LEU A 18 -21.73 -6.69 12.97
N GLY A 19 -22.47 -7.26 12.03
CA GLY A 19 -23.64 -6.60 11.47
C GLY A 19 -24.66 -6.21 12.53
N ARG A 20 -24.95 -7.12 13.46
CA ARG A 20 -25.85 -6.81 14.56
C ARG A 20 -25.35 -5.63 15.37
N SER A 21 -24.07 -5.68 15.73
CA SER A 21 -23.43 -4.64 16.52
C SER A 21 -23.44 -3.34 15.76
N ILE A 22 -23.24 -3.41 14.43
CA ILE A 22 -23.27 -2.19 13.62
C ILE A 22 -24.69 -1.60 13.65
N ALA A 23 -25.69 -2.46 13.50
CA ALA A 23 -27.09 -2.07 13.50
C ALA A 23 -27.48 -1.51 14.86
N GLU A 24 -27.00 -2.14 15.93
CA GLU A 24 -27.32 -1.68 17.27
C GLU A 24 -26.71 -0.30 17.55
N GLY A 25 -25.45 -0.12 17.15
CA GLY A 25 -24.73 1.13 17.36
C GLY A 25 -25.34 2.30 16.60
N LEU A 26 -25.73 2.04 15.35
CA LEU A 26 -26.38 3.09 14.56
C LEU A 26 -27.72 3.41 15.21
N HIS A 27 -28.42 2.38 15.67
CA HIS A 27 -29.70 2.58 16.34
C HIS A 27 -29.56 3.46 17.60
N ALA A 28 -28.52 3.21 18.39
CA ALA A 28 -28.27 3.97 19.62
C ALA A 28 -27.92 5.42 19.32
N GLU A 29 -27.45 5.69 18.10
CA GLU A 29 -27.13 7.05 17.68
C GLU A 29 -28.37 7.76 17.14
N GLY A 30 -29.50 7.05 17.04
CA GLY A 30 -30.72 7.65 16.56
C GLY A 30 -31.18 7.25 15.17
N TYR A 31 -30.48 6.32 14.52
CA TYR A 31 -30.86 5.89 13.18
C TYR A 31 -31.99 4.89 13.18
N ALA A 32 -32.84 4.94 12.16
CA ALA A 32 -33.85 3.90 11.97
C ALA A 32 -33.03 2.91 11.13
N VAL A 33 -33.18 1.61 11.41
CA VAL A 33 -32.34 0.64 10.72
C VAL A 33 -33.05 -0.45 9.95
N CYS A 34 -32.71 -0.58 8.66
CA CYS A 34 -33.25 -1.64 7.83
C CYS A 34 -32.25 -2.80 7.94
N LEU A 35 -32.69 -3.86 8.60
CA LEU A 35 -31.86 -5.01 8.86
C LEU A 35 -32.02 -6.06 7.77
N HIS A 36 -31.03 -6.19 6.91
CA HIS A 36 -31.11 -7.18 5.85
C HIS A 36 -30.57 -8.51 6.36
N TYR A 37 -31.10 -9.60 5.83
CA TYR A 37 -30.64 -10.93 6.21
C TYR A 37 -30.90 -11.87 5.05
N HIS A 38 -30.21 -13.00 5.07
CA HIS A 38 -30.37 -13.99 4.01
C HIS A 38 -31.00 -15.23 4.63
N ARG A 39 -30.27 -15.92 5.49
CA ARG A 39 -30.79 -17.12 6.12
C ARG A 39 -31.15 -16.98 7.61
N SER A 40 -30.82 -15.87 8.23
CA SER A 40 -31.07 -15.72 9.65
C SER A 40 -32.35 -14.94 9.98
N ALA A 41 -33.48 -15.43 9.49
CA ALA A 41 -34.76 -14.77 9.73
C ALA A 41 -35.07 -14.59 11.22
N ALA A 42 -34.91 -15.66 12.00
CA ALA A 42 -35.27 -15.61 13.42
C ALA A 42 -34.46 -14.56 14.16
N GLU A 43 -33.16 -14.53 13.89
CA GLU A 43 -32.25 -13.57 14.52
C GLU A 43 -32.56 -12.14 14.09
N ALA A 44 -32.81 -11.94 12.80
CA ALA A 44 -33.10 -10.62 12.28
C ALA A 44 -34.39 -10.09 12.91
N ASN A 45 -35.45 -10.92 12.90
CA ASN A 45 -36.73 -10.53 13.50
C ASN A 45 -36.64 -10.27 15.00
N ALA A 46 -35.87 -11.07 15.72
CA ALA A 46 -35.70 -10.80 17.14
C ALA A 46 -34.99 -9.46 17.34
N LEU A 47 -33.99 -9.17 16.53
CA LEU A 47 -33.26 -7.91 16.63
C LEU A 47 -34.20 -6.72 16.32
N SER A 48 -35.01 -6.86 15.27
CA SER A 48 -35.98 -5.85 14.92
C SER A 48 -36.94 -5.61 16.08
N ALA A 49 -37.46 -6.69 16.66
CA ALA A 49 -38.38 -6.59 17.80
C ALA A 49 -37.78 -5.78 18.94
N THR A 50 -36.52 -6.05 19.28
CA THR A 50 -35.82 -5.34 20.34
C THR A 50 -35.68 -3.86 20.03
N LEU A 51 -35.24 -3.54 18.83
CA LEU A 51 -35.08 -2.14 18.43
C LEU A 51 -36.41 -1.37 18.41
N ASN A 52 -37.45 -2.00 17.85
CA ASN A 52 -38.76 -1.40 17.78
C ASN A 52 -39.39 -1.22 19.16
N ALA A 53 -39.03 -2.12 20.09
CA ALA A 53 -39.53 -2.00 21.44
C ALA A 53 -38.90 -0.78 22.13
N ARG A 54 -37.63 -0.50 21.88
CA ARG A 54 -36.99 0.66 22.47
C ARG A 54 -37.43 1.97 21.83
N ARG A 55 -37.84 1.92 20.56
CA ARG A 55 -38.25 3.08 19.78
C ARG A 55 -39.12 2.58 18.63
N PRO A 56 -40.42 2.84 18.68
CA PRO A 56 -41.36 2.38 17.64
C PRO A 56 -40.97 2.81 16.24
N ASN A 57 -41.22 1.92 15.28
CA ASN A 57 -40.92 2.16 13.88
C ASN A 57 -39.49 2.58 13.61
N SER A 58 -38.56 2.00 14.36
CA SER A 58 -37.16 2.30 14.17
C SER A 58 -36.37 1.14 13.53
N ALA A 59 -37.07 0.07 13.14
CA ALA A 59 -36.43 -1.08 12.51
C ALA A 59 -37.36 -1.92 11.67
N ILE A 60 -36.84 -2.41 10.55
CA ILE A 60 -37.58 -3.31 9.67
C ILE A 60 -36.58 -4.39 9.24
N THR A 61 -37.08 -5.48 8.65
CA THR A 61 -36.20 -6.52 8.10
C THR A 61 -36.59 -6.77 6.65
N VAL A 62 -35.59 -7.15 5.85
CA VAL A 62 -35.77 -7.47 4.43
C VAL A 62 -34.81 -8.61 4.13
N GLN A 63 -35.31 -9.60 3.39
CA GLN A 63 -34.56 -10.82 3.05
C GLN A 63 -33.99 -10.73 1.64
N ALA A 64 -32.75 -11.17 1.47
CA ALA A 64 -32.18 -11.19 0.12
C ALA A 64 -30.90 -11.99 0.00
N ASP A 65 -30.88 -12.82 -1.03
CA ASP A 65 -29.70 -13.58 -1.37
C ASP A 65 -28.89 -12.57 -2.17
N LEU A 66 -27.68 -12.24 -1.72
CA LEU A 66 -26.84 -11.27 -2.39
C LEU A 66 -25.82 -11.95 -3.28
N SER A 67 -25.99 -13.24 -3.49
CA SER A 67 -25.12 -14.01 -4.35
C SER A 67 -25.40 -13.56 -5.78
N ASN A 68 -24.37 -13.54 -6.62
CA ASN A 68 -24.52 -13.12 -8.02
C ASN A 68 -25.26 -14.13 -8.90
N VAL A 69 -26.51 -14.43 -8.53
CA VAL A 69 -27.35 -15.38 -9.24
C VAL A 69 -28.75 -14.80 -9.43
N ALA A 70 -29.48 -15.32 -10.41
CA ALA A 70 -30.87 -14.93 -10.63
C ALA A 70 -31.77 -15.71 -9.67
N THR A 71 -32.79 -15.07 -9.09
CA THR A 71 -33.70 -15.81 -8.21
C THR A 71 -35.06 -16.04 -8.86
N ALA A 72 -35.90 -16.82 -8.16
CA ALA A 72 -37.27 -17.11 -8.59
C ALA A 72 -38.14 -15.86 -8.36
N PRO A 73 -39.02 -15.54 -9.29
CA PRO A 73 -39.93 -14.39 -9.13
C PRO A 73 -40.95 -14.63 -8.02
N ALA A 81 -40.27 -13.86 -15.24
CA ALA A 81 -38.86 -13.66 -15.54
C ALA A 81 -38.05 -13.77 -14.24
N PRO A 82 -36.88 -14.40 -14.27
CA PRO A 82 -36.05 -14.54 -13.06
C PRO A 82 -35.62 -13.17 -12.54
N VAL A 83 -35.40 -13.05 -11.23
CA VAL A 83 -35.01 -11.78 -10.64
C VAL A 83 -33.49 -11.74 -10.53
N THR A 84 -32.91 -10.65 -11.02
CA THR A 84 -31.46 -10.46 -11.01
C THR A 84 -30.94 -9.86 -9.70
N LEU A 85 -29.65 -10.03 -9.44
CA LEU A 85 -29.02 -9.50 -8.24
C LEU A 85 -29.21 -7.99 -8.15
N PHE A 86 -29.05 -7.30 -9.29
CA PHE A 86 -29.23 -5.86 -9.35
C PHE A 86 -30.62 -5.48 -8.86
N THR A 87 -31.65 -6.12 -9.41
CA THR A 87 -33.01 -5.89 -9.00
C THR A 87 -33.16 -6.10 -7.48
N ARG A 88 -32.68 -7.24 -6.98
CA ARG A 88 -32.76 -7.53 -5.55
C ARG A 88 -32.08 -6.41 -4.75
N CYS A 89 -30.98 -5.89 -5.26
CA CYS A 89 -30.25 -4.83 -4.59
C CYS A 89 -31.02 -3.52 -4.62
N ALA A 90 -31.57 -3.19 -5.78
CA ALA A 90 -32.37 -1.98 -5.89
C ALA A 90 -33.58 -2.07 -4.97
N GLU A 91 -34.11 -3.29 -4.81
CA GLU A 91 -35.25 -3.52 -3.95
C GLU A 91 -34.93 -3.30 -2.47
N LEU A 92 -33.68 -3.56 -2.07
CA LEU A 92 -33.29 -3.34 -0.69
C LEU A 92 -33.30 -1.85 -0.38
N VAL A 93 -32.66 -1.08 -1.25
CA VAL A 93 -32.60 0.36 -1.09
C VAL A 93 -34.02 0.93 -1.16
N ALA A 94 -34.81 0.46 -2.11
CA ALA A 94 -36.18 0.94 -2.26
C ALA A 94 -37.01 0.69 -1.02
N ALA A 95 -36.78 -0.44 -0.36
CA ALA A 95 -37.53 -0.76 0.84
C ALA A 95 -37.33 0.33 1.91
N CYS A 96 -36.18 0.97 1.90
CA CYS A 96 -35.92 2.04 2.87
C CYS A 96 -36.72 3.27 2.50
N TYR A 97 -36.76 3.58 1.20
CA TYR A 97 -37.50 4.76 0.75
C TYR A 97 -39.00 4.61 0.89
N THR A 98 -39.51 3.42 0.58
CA THR A 98 -40.92 3.07 0.69
C THR A 98 -41.39 3.17 2.15
N HIS A 99 -40.59 2.64 3.07
CA HIS A 99 -41.00 2.67 4.47
C HIS A 99 -40.76 3.97 5.22
N TRP A 100 -39.61 4.60 5.02
CA TRP A 100 -39.27 5.83 5.73
C TRP A 100 -39.02 7.07 4.86
N GLY A 101 -39.02 6.91 3.53
CA GLY A 101 -38.77 8.02 2.65
C GLY A 101 -37.32 8.47 2.57
N ARG A 102 -36.35 7.61 2.94
CA ARG A 102 -34.94 7.99 2.87
C ARG A 102 -33.94 6.86 3.13
N CYS A 103 -32.69 7.06 2.73
CA CYS A 103 -31.59 6.12 2.96
C CYS A 103 -30.28 6.92 3.02
N ASP A 104 -29.81 7.18 4.23
CA ASP A 104 -28.64 8.02 4.46
C ASP A 104 -27.34 7.28 4.55
N VAL A 105 -27.39 6.08 5.12
CA VAL A 105 -26.22 5.26 5.35
C VAL A 105 -26.41 3.87 4.76
N LEU A 106 -25.34 3.34 4.18
CA LEU A 106 -25.33 1.98 3.66
C LEU A 106 -24.09 1.29 4.23
N VAL A 107 -24.28 0.15 4.88
CA VAL A 107 -23.15 -0.62 5.39
C VAL A 107 -23.13 -1.98 4.70
N ASN A 108 -22.18 -2.14 3.79
CA ASN A 108 -22.03 -3.40 3.07
C ASN A 108 -21.24 -4.33 3.96
N ASN A 109 -21.97 -5.12 4.77
CA ASN A 109 -21.39 -6.00 5.77
C ASN A 109 -21.56 -7.48 5.44
N ALA A 110 -22.67 -7.83 4.80
CA ALA A 110 -22.95 -9.25 4.47
C ALA A 110 -21.78 -9.80 3.69
N SER A 111 -21.41 -11.04 3.99
CA SER A 111 -20.23 -11.63 3.38
C SER A 111 -20.10 -13.13 3.61
N SER A 112 -19.91 -13.86 2.52
CA SER A 112 -19.66 -15.28 2.67
C SER A 112 -18.14 -15.49 2.78
N PHE A 113 -17.76 -16.51 3.54
CA PHE A 113 -16.36 -16.78 3.83
C PHE A 113 -16.11 -18.27 4.04
N TYR A 114 -15.41 -18.89 3.09
CA TYR A 114 -15.06 -20.32 3.14
C TYR A 114 -14.00 -20.60 2.08
N PRO A 115 -13.29 -21.70 2.24
CA PRO A 115 -12.18 -22.03 1.33
C PRO A 115 -12.50 -22.33 -0.13
N THR A 116 -11.57 -21.94 -0.98
CA THR A 116 -11.58 -22.28 -2.41
C THR A 116 -10.11 -22.57 -2.73
N PRO A 117 -9.65 -23.74 -2.30
CA PRO A 117 -8.25 -24.12 -2.45
C PRO A 117 -7.89 -24.21 -3.91
N LEU A 118 -6.64 -23.87 -4.26
CA LEU A 118 -6.21 -23.95 -5.64
C LEU A 118 -5.96 -25.41 -5.96
N LEU A 119 -5.46 -26.15 -4.97
CA LEU A 119 -5.23 -27.58 -5.14
C LEU A 119 -6.09 -28.41 -4.19
N ARG A 120 -6.60 -29.51 -4.75
CA ARG A 120 -7.42 -30.47 -4.03
C ARG A 120 -6.59 -31.18 -2.95
N ASN A 121 -5.42 -31.70 -3.37
CA ASN A 121 -4.50 -32.39 -2.49
C ASN A 121 -3.23 -31.57 -2.20
N GLY A 131 -22.91 -31.79 -8.34
CA GLY A 131 -21.78 -32.17 -7.51
C GLY A 131 -20.60 -31.20 -7.55
N ASP A 132 -19.61 -31.53 -8.37
CA ASP A 132 -18.39 -30.73 -8.48
C ASP A 132 -18.52 -29.33 -9.10
N ARG A 133 -19.12 -29.26 -10.29
CA ARG A 133 -19.30 -28.00 -11.01
C ARG A 133 -20.22 -27.00 -10.33
N GLU A 134 -21.31 -27.51 -9.76
CA GLU A 134 -22.27 -26.66 -9.08
C GLU A 134 -21.65 -25.93 -7.88
N ALA A 135 -20.74 -26.60 -7.20
CA ALA A 135 -20.04 -26.03 -6.04
C ALA A 135 -19.08 -24.92 -6.45
N MET A 136 -18.37 -25.10 -7.56
CA MET A 136 -17.45 -24.09 -8.08
C MET A 136 -18.25 -22.91 -8.58
N GLU A 137 -19.30 -23.19 -9.33
CA GLU A 137 -20.14 -22.14 -9.87
C GLU A 137 -20.86 -21.33 -8.79
N THR A 138 -21.35 -22.01 -7.75
CA THR A 138 -22.02 -21.31 -6.66
C THR A 138 -21.05 -20.59 -5.72
N ALA A 139 -19.86 -21.15 -5.52
CA ALA A 139 -18.85 -20.51 -4.66
C ALA A 139 -18.43 -19.18 -5.25
N THR A 140 -18.21 -19.17 -6.56
CA THR A 140 -17.78 -17.97 -7.27
C THR A 140 -18.83 -16.87 -7.13
N ALA A 141 -20.06 -17.22 -7.46
CA ALA A 141 -21.15 -16.25 -7.42
C ALA A 141 -21.46 -15.80 -5.99
N ASP A 142 -21.41 -16.73 -5.04
CA ASP A 142 -21.71 -16.43 -3.66
C ASP A 142 -20.63 -15.54 -3.04
N LEU A 143 -19.40 -16.00 -3.10
CA LEU A 143 -18.30 -15.25 -2.51
C LEU A 143 -18.16 -13.88 -3.16
N PHE A 144 -18.21 -13.86 -4.49
CA PHE A 144 -18.07 -12.59 -5.22
C PHE A 144 -19.26 -11.65 -5.10
N GLY A 145 -20.46 -12.20 -5.09
CA GLY A 145 -21.69 -11.43 -4.98
C GLY A 145 -21.87 -10.73 -3.63
N SER A 146 -21.68 -11.49 -2.55
CA SER A 146 -21.83 -10.95 -1.21
C SER A 146 -20.76 -9.92 -0.86
N ASN A 147 -19.51 -10.24 -1.17
CA ASN A 147 -18.39 -9.38 -0.84
C ASN A 147 -18.11 -8.25 -1.83
N ALA A 148 -18.55 -8.38 -3.08
CA ALA A 148 -18.24 -7.35 -4.10
C ALA A 148 -19.32 -6.90 -5.09
N ILE A 149 -19.91 -7.82 -5.85
CA ILE A 149 -20.92 -7.45 -6.83
C ILE A 149 -22.17 -6.83 -6.19
N ALA A 150 -22.72 -7.46 -5.14
CA ALA A 150 -23.90 -6.87 -4.48
C ALA A 150 -23.62 -5.46 -3.89
N PRO A 151 -22.49 -5.27 -3.21
CA PRO A 151 -22.14 -3.93 -2.70
C PRO A 151 -22.09 -2.93 -3.84
N TYR A 152 -21.57 -3.36 -4.98
CA TYR A 152 -21.53 -2.48 -6.15
C TYR A 152 -22.95 -2.01 -6.55
N PHE A 153 -23.85 -2.98 -6.72
CA PHE A 153 -25.22 -2.71 -7.13
C PHE A 153 -25.98 -1.94 -6.06
N LEU A 154 -25.65 -2.23 -4.80
CA LEU A 154 -26.30 -1.51 -3.71
C LEU A 154 -25.87 -0.05 -3.71
N ILE A 155 -24.57 0.19 -3.91
CA ILE A 155 -24.05 1.55 -3.95
C ILE A 155 -24.68 2.29 -5.14
N LYS A 156 -24.79 1.60 -6.28
CA LYS A 156 -25.39 2.18 -7.46
C LYS A 156 -26.86 2.59 -7.17
N ALA A 157 -27.64 1.66 -6.63
CA ALA A 157 -29.03 1.94 -6.27
C ALA A 157 -29.12 3.11 -5.27
N PHE A 158 -28.25 3.09 -4.26
CA PHE A 158 -28.19 4.11 -3.23
C PHE A 158 -27.91 5.46 -3.89
N ALA A 159 -26.93 5.49 -4.78
CA ALA A 159 -26.57 6.72 -5.47
C ALA A 159 -27.65 7.25 -6.43
N HIS A 160 -28.29 6.35 -7.18
CA HIS A 160 -29.37 6.73 -8.10
C HIS A 160 -30.50 7.42 -7.32
N ARG A 161 -30.82 6.91 -6.13
CA ARG A 161 -31.86 7.47 -5.25
C ARG A 161 -31.53 8.87 -4.73
N VAL A 162 -30.27 9.08 -4.33
CA VAL A 162 -29.80 10.38 -3.91
C VAL A 162 -29.84 11.36 -5.09
N ALA A 163 -29.34 10.95 -6.26
CA ALA A 163 -29.35 11.81 -7.46
C ALA A 163 -30.76 12.20 -7.92
N GLY A 164 -31.72 11.31 -7.74
CA GLY A 164 -33.10 11.57 -8.10
C GLY A 164 -33.83 12.42 -7.08
N THR A 165 -33.21 12.68 -5.93
CA THR A 165 -33.80 13.50 -4.88
C THR A 165 -33.36 14.94 -5.14
N PRO A 166 -34.32 15.87 -5.20
CA PRO A 166 -34.00 17.29 -5.38
C PRO A 166 -33.05 17.76 -4.28
N ALA A 167 -31.98 18.44 -4.67
CA ALA A 167 -30.99 18.95 -3.72
C ALA A 167 -31.60 19.51 -2.43
N LYS A 168 -32.75 20.13 -2.55
CA LYS A 168 -33.44 20.74 -1.45
C LYS A 168 -33.99 19.73 -0.44
N HIS A 169 -34.15 18.48 -0.88
CA HIS A 169 -34.65 17.42 -0.02
C HIS A 169 -33.59 16.42 0.40
N ARG A 170 -32.36 16.58 -0.06
CA ARG A 170 -31.30 15.61 0.27
C ARG A 170 -30.85 15.64 1.74
N GLY A 171 -30.35 14.50 2.23
CA GLY A 171 -29.85 14.43 3.59
C GLY A 171 -28.51 15.16 3.62
N THR A 172 -28.01 15.49 4.80
CA THR A 172 -26.78 16.25 4.93
C THR A 172 -25.56 15.41 5.33
N ASN A 173 -25.71 14.10 5.37
CA ASN A 173 -24.63 13.21 5.79
C ASN A 173 -24.73 11.80 5.20
N TYR A 174 -24.54 11.67 3.90
CA TYR A 174 -24.66 10.36 3.27
C TYR A 174 -23.36 9.63 3.49
N SER A 175 -23.46 8.38 3.96
CA SER A 175 -22.23 7.65 4.24
C SER A 175 -22.32 6.16 3.92
N ILE A 176 -21.39 5.67 3.13
CA ILE A 176 -21.34 4.25 2.82
C ILE A 176 -20.08 3.62 3.40
N ILE A 177 -20.26 2.52 4.14
CA ILE A 177 -19.13 1.80 4.71
C ILE A 177 -19.05 0.39 4.15
N ASN A 178 -17.89 0.00 3.62
CA ASN A 178 -17.67 -1.35 3.10
C ASN A 178 -16.82 -2.15 4.09
N MET A 179 -17.32 -3.31 4.51
CA MET A 179 -16.54 -4.08 5.46
C MET A 179 -15.47 -4.86 4.73
N VAL A 180 -14.24 -4.37 4.80
CA VAL A 180 -13.13 -5.01 4.14
C VAL A 180 -12.41 -5.98 5.08
N ASP A 181 -11.11 -6.19 4.92
CA ASP A 181 -10.41 -7.16 5.75
C ASP A 181 -8.97 -6.71 5.91
N ALA A 182 -8.56 -6.39 7.13
CA ALA A 182 -7.21 -5.91 7.35
C ALA A 182 -6.10 -6.89 6.98
N MET A 183 -6.44 -8.17 6.88
CA MET A 183 -5.45 -9.22 6.64
C MET A 183 -5.35 -9.81 5.24
N THR A 184 -6.22 -9.38 4.31
CA THR A 184 -6.16 -9.92 2.95
C THR A 184 -4.81 -9.75 2.23
N ASN A 185 -4.03 -8.72 2.56
CA ASN A 185 -2.73 -8.55 1.94
C ASN A 185 -1.70 -9.58 2.41
N GLN A 186 -2.06 -10.35 3.44
CA GLN A 186 -1.26 -11.45 3.97
C GLN A 186 -2.26 -12.62 3.90
N PRO A 187 -2.53 -13.10 2.69
CA PRO A 187 -3.62 -14.04 2.45
C PRO A 187 -3.73 -15.27 3.34
N LEU A 188 -4.97 -15.60 3.65
CA LEU A 188 -5.30 -16.78 4.42
C LEU A 188 -5.16 -17.91 3.41
N LEU A 189 -4.32 -18.89 3.72
CA LEU A 189 -4.07 -19.99 2.80
C LEU A 189 -5.36 -20.75 2.42
N GLY A 190 -5.61 -20.85 1.12
CA GLY A 190 -6.77 -21.56 0.59
C GLY A 190 -8.06 -20.76 0.44
N TYR A 191 -7.99 -19.43 0.64
CA TYR A 191 -9.19 -18.61 0.53
C TYR A 191 -9.12 -17.64 -0.63
N THR A 192 -8.50 -18.06 -1.73
CA THR A 192 -8.31 -17.19 -2.87
C THR A 192 -9.50 -16.34 -3.34
N ILE A 193 -10.64 -16.96 -3.64
CA ILE A 193 -11.80 -16.21 -4.14
C ILE A 193 -12.25 -15.14 -3.16
N TYR A 194 -12.32 -15.48 -1.88
CA TYR A 194 -12.73 -14.55 -0.84
C TYR A 194 -11.78 -13.36 -0.79
N THR A 195 -10.49 -13.66 -0.80
CA THR A 195 -9.45 -12.65 -0.79
C THR A 195 -9.62 -11.79 -2.03
N MET A 196 -9.82 -12.41 -3.19
CA MET A 196 -10.01 -11.65 -4.43
C MET A 196 -11.19 -10.70 -4.31
N ALA A 197 -12.32 -11.17 -3.75
CA ALA A 197 -13.50 -10.34 -3.60
C ALA A 197 -13.26 -9.15 -2.65
N LYS A 198 -12.53 -9.35 -1.56
CA LYS A 198 -12.26 -8.22 -0.69
C LYS A 198 -11.38 -7.19 -1.40
N GLY A 199 -10.44 -7.67 -2.22
CA GLY A 199 -9.65 -6.76 -3.02
C GLY A 199 -10.55 -5.92 -3.92
N ALA A 200 -11.57 -6.56 -4.48
CA ALA A 200 -12.52 -5.87 -5.36
C ALA A 200 -13.27 -4.84 -4.53
N LEU A 201 -13.70 -5.25 -3.34
CA LEU A 201 -14.38 -4.33 -2.44
C LEU A 201 -13.55 -3.05 -2.16
N GLU A 202 -12.24 -3.21 -1.93
CA GLU A 202 -11.36 -2.05 -1.73
C GLU A 202 -11.37 -1.14 -2.97
N GLY A 203 -11.33 -1.76 -4.15
CA GLY A 203 -11.41 -1.03 -5.40
C GLY A 203 -12.74 -0.29 -5.49
N LEU A 204 -13.84 -0.94 -5.12
CA LEU A 204 -15.14 -0.30 -5.17
C LEU A 204 -15.17 0.93 -4.25
N THR A 205 -14.55 0.80 -3.09
CA THR A 205 -14.47 1.87 -2.11
C THR A 205 -13.78 3.11 -2.68
N ARG A 206 -12.69 2.91 -3.40
CA ARG A 206 -11.97 4.05 -3.95
C ARG A 206 -12.72 4.63 -5.13
N SER A 207 -13.20 3.75 -6.01
CA SER A 207 -13.87 4.17 -7.22
C SER A 207 -15.17 4.89 -6.86
N ALA A 208 -15.97 4.30 -5.98
CA ALA A 208 -17.22 4.97 -5.60
C ALA A 208 -16.96 6.28 -4.85
N ALA A 209 -15.93 6.32 -4.01
CA ALA A 209 -15.65 7.56 -3.29
C ALA A 209 -15.37 8.69 -4.27
N LEU A 210 -14.61 8.37 -5.32
CA LEU A 210 -14.28 9.41 -6.30
C LEU A 210 -15.48 9.83 -7.15
N GLU A 211 -16.24 8.86 -7.65
CA GLU A 211 -17.40 9.16 -8.48
C GLU A 211 -18.57 9.81 -7.76
N LEU A 212 -18.80 9.45 -6.50
CA LEU A 212 -19.92 9.99 -5.73
C LEU A 212 -19.60 11.25 -4.88
N ALA A 213 -18.33 11.65 -4.88
CA ALA A 213 -17.93 12.84 -4.16
C ALA A 213 -18.78 14.07 -4.52
N PRO A 214 -19.15 14.28 -5.79
CA PRO A 214 -20.01 15.44 -6.13
C PRO A 214 -21.38 15.43 -5.44
N LEU A 215 -21.86 14.26 -5.03
CA LEU A 215 -23.17 14.18 -4.38
C LEU A 215 -22.98 14.12 -2.87
N GLN A 216 -21.74 14.39 -2.45
CA GLN A 216 -21.39 14.39 -1.03
C GLN A 216 -21.68 13.07 -0.34
N ILE A 217 -21.54 11.98 -1.09
CA ILE A 217 -21.74 10.65 -0.54
C ILE A 217 -20.34 10.16 -0.26
N ARG A 218 -20.03 9.91 1.01
CA ARG A 218 -18.71 9.43 1.37
C ARG A 218 -18.70 7.90 1.31
N VAL A 219 -17.59 7.33 0.86
CA VAL A 219 -17.46 5.88 0.78
C VAL A 219 -16.14 5.46 1.41
N ASN A 220 -16.22 4.74 2.52
CA ASN A 220 -15.04 4.30 3.23
C ASN A 220 -15.10 2.82 3.59
N GLY A 221 -13.96 2.31 4.06
CA GLY A 221 -13.90 0.93 4.45
C GLY A 221 -13.40 0.75 5.85
N VAL A 222 -13.87 -0.32 6.48
CA VAL A 222 -13.45 -0.71 7.81
C VAL A 222 -13.01 -2.16 7.66
N GLY A 223 -11.78 -2.46 8.07
CA GLY A 223 -11.27 -3.81 7.92
C GLY A 223 -10.82 -4.44 9.22
N PRO A 224 -11.64 -5.35 9.77
CA PRO A 224 -11.29 -6.08 10.98
C PRO A 224 -10.11 -7.01 10.71
N GLY A 225 -9.47 -7.46 11.79
CA GLY A 225 -8.36 -8.40 11.75
C GLY A 225 -9.00 -9.68 12.19
N LEU A 226 -9.06 -9.89 13.50
CA LEU A 226 -9.74 -11.06 14.07
C LEU A 226 -10.80 -10.52 14.99
N SER A 227 -12.07 -10.74 14.63
CA SER A 227 -13.18 -10.26 15.47
C SER A 227 -14.16 -11.36 15.83
N VAL A 228 -14.53 -11.43 17.11
CA VAL A 228 -15.45 -12.45 17.62
C VAL A 228 -15.18 -13.76 16.92
N LEU A 229 -13.89 -14.11 16.90
CA LEU A 229 -13.35 -15.29 16.24
C LEU A 229 -14.24 -16.50 16.49
N VAL A 230 -14.65 -17.17 15.43
CA VAL A 230 -15.48 -18.36 15.60
C VAL A 230 -14.62 -19.42 16.29
N ASP A 231 -15.15 -20.00 17.37
CA ASP A 231 -14.35 -20.94 18.16
C ASP A 231 -14.64 -22.44 17.99
N ASP A 232 -15.04 -22.87 16.79
CA ASP A 232 -15.33 -24.28 16.53
C ASP A 232 -14.04 -25.03 16.30
N MET A 233 -13.19 -25.09 17.32
CA MET A 233 -11.89 -25.74 17.20
C MET A 233 -11.39 -25.95 18.61
N PRO A 234 -10.32 -26.73 18.80
CA PRO A 234 -9.83 -26.97 20.15
C PRO A 234 -9.46 -25.65 20.85
N PRO A 235 -9.77 -25.51 22.13
CA PRO A 235 -9.47 -24.29 22.88
C PRO A 235 -8.06 -23.75 22.70
N ALA A 236 -7.06 -24.64 22.67
CA ALA A 236 -5.66 -24.26 22.55
C ALA A 236 -5.37 -23.71 21.18
N VAL A 237 -6.02 -24.26 20.15
CA VAL A 237 -5.85 -23.78 18.79
C VAL A 237 -6.47 -22.38 18.74
N TRP A 238 -7.59 -22.20 19.45
CA TRP A 238 -8.29 -20.91 19.51
C TRP A 238 -7.47 -19.88 20.26
N GLU A 239 -6.86 -20.30 21.37
CA GLU A 239 -6.00 -19.42 22.18
C GLU A 239 -4.81 -19.05 21.31
N GLY A 240 -4.27 -20.05 20.62
CA GLY A 240 -3.14 -19.87 19.73
C GLY A 240 -3.32 -18.79 18.67
N HIS A 241 -4.47 -18.75 18.01
CA HIS A 241 -4.72 -17.75 16.97
C HIS A 241 -4.86 -16.35 17.57
N ARG A 242 -5.74 -16.19 18.56
CA ARG A 242 -5.93 -14.88 19.16
C ARG A 242 -4.63 -14.34 19.77
N SER A 243 -3.81 -15.23 20.28
CA SER A 243 -2.55 -14.82 20.90
C SER A 243 -1.54 -14.20 19.91
N LYS A 244 -1.75 -14.42 18.61
CA LYS A 244 -0.88 -13.86 17.57
C LYS A 244 -1.11 -12.36 17.42
N VAL A 245 -2.24 -11.87 17.93
CA VAL A 245 -2.57 -10.45 17.85
C VAL A 245 -1.78 -9.64 18.86
N PRO A 246 -0.93 -8.73 18.39
CA PRO A 246 -0.08 -7.92 19.28
C PRO A 246 -0.85 -7.13 20.34
N LEU A 247 -1.88 -6.35 19.98
CA LEU A 247 -2.61 -5.64 21.02
C LEU A 247 -3.61 -6.57 21.75
N TYR A 248 -3.39 -6.76 23.06
CA TYR A 248 -4.26 -7.58 23.92
C TYR A 248 -4.18 -9.09 23.73
N GLN A 249 -3.48 -9.55 22.69
CA GLN A 249 -3.39 -10.99 22.44
C GLN A 249 -4.77 -11.65 22.40
N ARG A 250 -5.69 -11.00 21.70
CA ARG A 250 -7.04 -11.51 21.55
C ARG A 250 -7.73 -10.88 20.33
N ASP A 251 -8.75 -11.59 19.84
CA ASP A 251 -9.58 -11.09 18.77
C ASP A 251 -10.40 -9.98 19.42
N SER A 252 -11.01 -9.15 18.59
CA SER A 252 -11.79 -8.03 19.10
C SER A 252 -13.25 -8.40 19.41
N SER A 253 -13.91 -7.49 20.10
CA SER A 253 -15.34 -7.63 20.38
C SER A 253 -16.05 -6.98 19.18
N ALA A 254 -17.35 -7.23 19.07
CA ALA A 254 -18.09 -6.65 17.97
C ALA A 254 -18.14 -5.12 18.10
N ALA A 255 -18.33 -4.62 19.32
CA ALA A 255 -18.38 -3.18 19.55
C ALA A 255 -17.07 -2.48 19.13
N GLU A 256 -15.94 -3.14 19.40
CA GLU A 256 -14.62 -2.62 19.03
C GLU A 256 -14.50 -2.34 17.51
N VAL A 257 -15.27 -3.06 16.71
CA VAL A 257 -15.32 -2.82 15.28
C VAL A 257 -16.48 -1.86 14.97
N SER A 258 -17.67 -2.19 15.44
CA SER A 258 -18.85 -1.36 15.18
C SER A 258 -18.72 0.11 15.56
N ASP A 259 -18.06 0.42 16.68
CA ASP A 259 -17.89 1.82 17.06
C ASP A 259 -17.13 2.63 15.98
N VAL A 260 -16.19 2.00 15.28
CA VAL A 260 -15.40 2.65 14.23
C VAL A 260 -16.31 2.94 13.04
N VAL A 261 -17.17 1.98 12.71
CA VAL A 261 -18.15 2.14 11.62
C VAL A 261 -19.05 3.34 11.92
N ILE A 262 -19.60 3.37 13.13
CA ILE A 262 -20.47 4.46 13.58
C ILE A 262 -19.70 5.78 13.49
N PHE A 263 -18.47 5.81 13.98
CA PHE A 263 -17.70 7.04 13.88
C PHE A 263 -17.56 7.53 12.45
N LEU A 264 -17.22 6.65 11.51
CA LEU A 264 -17.08 7.06 10.12
C LEU A 264 -18.39 7.57 9.50
N CYS A 265 -19.52 7.14 10.05
CA CYS A 265 -20.84 7.57 9.58
C CYS A 265 -21.28 8.90 10.18
N SER A 266 -20.61 9.31 11.26
CA SER A 266 -20.93 10.56 11.94
C SER A 266 -20.45 11.83 11.21
N SER A 267 -21.12 12.94 11.47
CA SER A 267 -20.74 14.20 10.84
C SER A 267 -19.31 14.61 11.21
N LYS A 268 -18.76 14.00 12.26
CA LYS A 268 -17.41 14.30 12.65
C LYS A 268 -16.40 13.70 11.65
N ALA A 269 -16.86 12.76 10.84
CA ALA A 269 -15.99 12.16 9.84
C ALA A 269 -16.30 12.61 8.41
N LYS A 270 -17.02 13.73 8.24
CA LYS A 270 -17.42 14.20 6.91
C LYS A 270 -16.33 14.59 5.88
N TYR A 271 -15.07 14.70 6.29
CA TYR A 271 -14.01 14.99 5.33
C TYR A 271 -13.26 13.71 4.97
N ILE A 272 -13.63 12.60 5.63
CA ILE A 272 -13.00 11.32 5.32
C ILE A 272 -13.74 10.61 4.21
N THR A 273 -13.01 10.26 3.16
CA THR A 273 -13.59 9.47 2.07
C THR A 273 -12.55 8.69 1.25
N GLY A 274 -12.92 7.52 0.75
CA GLY A 274 -12.02 6.71 -0.03
C GLY A 274 -10.92 6.03 0.77
N THR A 275 -11.10 5.95 2.09
CA THR A 275 -10.07 5.35 2.93
C THR A 275 -10.58 4.12 3.66
N CYS A 276 -9.68 3.17 3.87
CA CYS A 276 -9.99 1.93 4.59
C CYS A 276 -9.29 1.98 5.93
N VAL A 277 -10.03 1.82 7.02
CA VAL A 277 -9.45 1.86 8.36
C VAL A 277 -9.32 0.45 8.93
N LYS A 278 -8.11 0.08 9.33
CA LYS A 278 -7.86 -1.21 9.95
C LYS A 278 -8.29 -1.16 11.43
N VAL A 279 -8.93 -2.22 11.89
CA VAL A 279 -9.33 -2.36 13.29
C VAL A 279 -8.87 -3.78 13.61
N ASP A 280 -7.56 -3.94 13.74
CA ASP A 280 -6.96 -5.26 13.90
C ASP A 280 -5.95 -5.45 15.01
N GLY A 281 -5.84 -4.47 15.92
CA GLY A 281 -4.90 -4.59 17.02
C GLY A 281 -3.46 -4.86 16.61
N GLY A 282 -3.07 -4.40 15.42
CA GLY A 282 -1.71 -4.55 14.98
C GLY A 282 -1.37 -5.87 14.33
N TYR A 283 -2.38 -6.70 14.06
CA TYR A 283 -2.15 -8.00 13.46
C TYR A 283 -1.46 -7.94 12.11
N SER A 284 -1.86 -7.01 11.25
CA SER A 284 -1.21 -6.88 9.94
C SER A 284 0.26 -6.47 10.02
N LEU A 285 0.72 -6.06 11.20
CA LEU A 285 2.11 -5.70 11.37
C LEU A 285 2.95 -6.92 11.64
N THR A 286 2.33 -8.08 11.83
CA THR A 286 3.10 -9.30 12.08
C THR A 286 3.62 -9.96 10.83
N ARG A 287 4.58 -10.87 11.03
CA ARG A 287 5.19 -11.66 9.99
C ARG A 287 5.36 -13.04 10.57
N ALA A 288 5.48 -14.07 9.73
CA ALA A 288 5.65 -15.44 10.21
C ALA A 288 6.99 -15.65 10.91
N THR B 5 13.73 -29.30 -24.38
CA THR B 5 14.23 -28.30 -23.39
C THR B 5 13.68 -26.92 -23.73
N VAL B 6 12.64 -26.93 -24.57
CA VAL B 6 11.94 -25.73 -25.02
C VAL B 6 10.66 -25.51 -24.16
N PRO B 7 10.68 -24.45 -23.36
CA PRO B 7 9.56 -24.14 -22.47
C PRO B 7 8.36 -23.59 -23.25
N VAL B 8 7.17 -23.70 -22.66
CA VAL B 8 5.94 -23.27 -23.31
C VAL B 8 5.27 -22.16 -22.52
N ALA B 9 4.80 -21.12 -23.21
CA ALA B 9 4.13 -20.00 -22.56
C ALA B 9 2.72 -19.86 -23.08
N LEU B 10 1.76 -19.71 -22.19
CA LEU B 10 0.38 -19.46 -22.60
C LEU B 10 0.13 -17.98 -22.32
N VAL B 11 -0.17 -17.22 -23.37
CA VAL B 11 -0.46 -15.81 -23.23
C VAL B 11 -1.88 -15.50 -23.73
N THR B 12 -2.76 -15.04 -22.84
CA THR B 12 -4.13 -14.71 -23.21
C THR B 12 -4.16 -13.32 -23.82
N GLY B 13 -5.09 -13.10 -24.75
CA GLY B 13 -5.22 -11.82 -25.43
C GLY B 13 -3.91 -11.47 -26.11
N ALA B 14 -3.33 -12.45 -26.80
CA ALA B 14 -2.03 -12.31 -27.46
C ALA B 14 -2.01 -11.72 -28.86
N ALA B 15 -3.19 -11.51 -29.45
CA ALA B 15 -3.30 -11.02 -30.81
C ALA B 15 -2.67 -9.66 -31.11
N LYS B 16 -2.85 -8.69 -30.20
CA LYS B 16 -2.26 -7.39 -30.45
C LYS B 16 -1.78 -6.63 -29.21
N ARG B 17 -1.25 -5.44 -29.46
CA ARG B 17 -0.77 -4.53 -28.41
C ARG B 17 0.18 -5.20 -27.42
N LEU B 18 -0.08 -5.07 -26.12
CA LEU B 18 0.80 -5.64 -25.10
C LEU B 18 0.96 -7.16 -25.19
N GLY B 19 -0.15 -7.88 -25.28
CA GLY B 19 -0.15 -9.34 -25.38
C GLY B 19 0.74 -9.83 -26.52
N ARG B 20 0.62 -9.19 -27.68
CA ARG B 20 1.44 -9.54 -28.83
C ARG B 20 2.90 -9.36 -28.45
N SER B 21 3.20 -8.18 -27.90
CA SER B 21 4.56 -7.88 -27.49
C SER B 21 5.06 -8.90 -26.48
N ILE B 22 4.21 -9.31 -25.55
CA ILE B 22 4.61 -10.30 -24.56
C ILE B 22 4.88 -11.64 -25.28
N ALA B 23 3.98 -12.05 -26.16
CA ALA B 23 4.19 -13.29 -26.91
C ALA B 23 5.46 -13.26 -27.77
N GLU B 24 5.74 -12.13 -28.42
CA GLU B 24 6.92 -12.00 -29.26
C GLU B 24 8.19 -12.08 -28.42
N GLY B 25 8.22 -11.36 -27.30
CA GLY B 25 9.36 -11.34 -26.40
C GLY B 25 9.65 -12.71 -25.80
N LEU B 26 8.59 -13.45 -25.43
CA LEU B 26 8.80 -14.78 -24.88
C LEU B 26 9.32 -15.69 -25.99
N HIS B 27 8.79 -15.50 -27.20
CA HIS B 27 9.23 -16.28 -28.35
C HIS B 27 10.71 -16.03 -28.65
N ALA B 28 11.12 -14.77 -28.60
CA ALA B 28 12.52 -14.42 -28.86
C ALA B 28 13.44 -15.04 -27.81
N GLU B 29 12.90 -15.33 -26.63
CA GLU B 29 13.71 -15.93 -25.57
C GLU B 29 13.77 -17.45 -25.71
N GLY B 30 13.08 -17.97 -26.73
CA GLY B 30 13.08 -19.41 -26.97
C GLY B 30 11.84 -20.16 -26.55
N TYR B 31 10.79 -19.46 -26.15
CA TYR B 31 9.57 -20.13 -25.70
C TYR B 31 8.67 -20.51 -26.86
N ALA B 32 7.98 -21.64 -26.74
CA ALA B 32 6.95 -21.95 -27.72
C ALA B 32 5.75 -21.21 -27.13
N VAL B 33 4.88 -20.66 -27.96
CA VAL B 33 3.81 -19.81 -27.43
C VAL B 33 2.39 -20.16 -27.86
N CYS B 34 1.50 -20.37 -26.89
CA CYS B 34 0.11 -20.61 -27.19
C CYS B 34 -0.57 -19.24 -27.12
N LEU B 35 -0.97 -18.72 -28.28
CA LEU B 35 -1.58 -17.40 -28.37
C LEU B 35 -3.09 -17.49 -28.27
N HIS B 36 -3.63 -17.05 -27.13
CA HIS B 36 -5.07 -17.04 -26.93
C HIS B 36 -5.63 -15.77 -27.56
N TYR B 37 -6.87 -15.86 -28.04
CA TYR B 37 -7.55 -14.69 -28.62
C TYR B 37 -9.04 -14.95 -28.46
N HIS B 38 -9.83 -13.88 -28.50
CA HIS B 38 -11.27 -14.02 -28.37
C HIS B 38 -11.91 -13.65 -29.70
N ARG B 39 -11.77 -12.38 -30.10
CA ARG B 39 -12.34 -11.89 -31.34
C ARG B 39 -11.34 -11.59 -32.46
N SER B 40 -10.04 -11.54 -32.15
CA SER B 40 -9.04 -11.21 -33.18
C SER B 40 -8.37 -12.42 -33.85
N ALA B 41 -9.18 -13.23 -34.52
CA ALA B 41 -8.68 -14.44 -35.18
C ALA B 41 -7.61 -14.15 -36.23
N ALA B 42 -7.91 -13.18 -37.10
CA ALA B 42 -7.00 -12.82 -38.18
C ALA B 42 -5.65 -12.35 -37.67
N GLU B 43 -5.64 -11.49 -36.67
CA GLU B 43 -4.36 -11.00 -36.12
C GLU B 43 -3.62 -12.11 -35.38
N ALA B 44 -4.35 -12.96 -34.67
CA ALA B 44 -3.77 -14.07 -33.92
C ALA B 44 -3.10 -15.05 -34.88
N ASN B 45 -3.83 -15.45 -35.90
CA ASN B 45 -3.30 -16.35 -36.93
C ASN B 45 -2.12 -15.76 -37.68
N ALA B 46 -2.12 -14.46 -37.95
CA ALA B 46 -0.97 -13.85 -38.62
C ALA B 46 0.24 -13.92 -37.70
N LEU B 47 0.05 -13.67 -36.41
CA LEU B 47 1.16 -13.69 -35.47
C LEU B 47 1.75 -15.10 -35.39
N SER B 48 0.85 -16.09 -35.37
CA SER B 48 1.24 -17.49 -35.32
C SER B 48 2.08 -17.86 -36.54
N ALA B 49 1.62 -17.42 -37.71
CA ALA B 49 2.32 -17.66 -38.97
C ALA B 49 3.73 -17.08 -38.91
N THR B 50 3.85 -15.85 -38.40
CA THR B 50 5.16 -15.22 -38.30
C THR B 50 6.09 -16.03 -37.43
N LEU B 51 5.61 -16.38 -36.23
CA LEU B 51 6.43 -17.10 -35.25
C LEU B 51 6.81 -18.50 -35.75
N ASN B 52 5.83 -19.19 -36.32
CA ASN B 52 6.12 -20.51 -36.88
C ASN B 52 7.07 -20.46 -38.08
N ALA B 53 7.06 -19.36 -38.85
CA ALA B 53 7.98 -19.23 -39.97
C ALA B 53 9.39 -19.05 -39.41
N ARG B 54 9.51 -18.32 -38.29
CA ARG B 54 10.83 -18.13 -37.68
C ARG B 54 11.38 -19.44 -37.09
N ARG B 55 10.49 -20.22 -36.48
CA ARG B 55 10.86 -21.44 -35.80
C ARG B 55 9.65 -22.36 -35.89
N PRO B 56 9.78 -23.45 -36.63
CA PRO B 56 8.66 -24.38 -36.83
C PRO B 56 8.06 -24.93 -35.54
N ASN B 57 6.74 -25.04 -35.53
CA ASN B 57 6.00 -25.57 -34.38
C ASN B 57 6.28 -24.86 -33.06
N SER B 58 6.47 -23.54 -33.12
CA SER B 58 6.75 -22.71 -31.95
C SER B 58 5.57 -21.82 -31.58
N ALA B 59 4.45 -21.98 -32.26
CA ALA B 59 3.27 -21.18 -31.96
C ALA B 59 1.97 -21.85 -32.36
N ILE B 60 0.93 -21.66 -31.57
CA ILE B 60 -0.41 -22.17 -31.90
C ILE B 60 -1.41 -21.10 -31.44
N THR B 61 -2.67 -21.20 -31.87
CA THR B 61 -3.71 -20.25 -31.41
C THR B 61 -4.92 -20.98 -30.87
N VAL B 62 -5.48 -20.47 -29.79
CA VAL B 62 -6.71 -21.06 -29.23
C VAL B 62 -7.69 -19.92 -29.02
N GLN B 63 -8.96 -20.16 -29.31
CA GLN B 63 -10.00 -19.16 -29.16
C GLN B 63 -10.79 -19.42 -27.90
N ALA B 64 -11.13 -18.34 -27.18
CA ALA B 64 -11.96 -18.51 -25.99
C ALA B 64 -12.45 -17.20 -25.43
N ASP B 65 -13.76 -17.18 -25.17
CA ASP B 65 -14.39 -16.05 -24.52
C ASP B 65 -14.11 -16.29 -23.03
N LEU B 66 -13.38 -15.38 -22.40
CA LEU B 66 -13.00 -15.53 -21.00
C LEU B 66 -13.96 -14.83 -20.08
N SER B 67 -15.09 -14.41 -20.61
CA SER B 67 -16.15 -13.79 -19.82
C SER B 67 -16.78 -14.85 -18.93
N ASN B 68 -17.16 -14.51 -17.71
CA ASN B 68 -17.80 -15.47 -16.78
C ASN B 68 -19.21 -15.89 -17.18
N VAL B 69 -19.33 -16.53 -18.34
CA VAL B 69 -20.61 -17.02 -18.85
C VAL B 69 -20.45 -18.41 -19.47
N ALA B 70 -21.54 -19.18 -19.49
CA ALA B 70 -21.53 -20.50 -20.13
C ALA B 70 -21.67 -20.31 -21.65
N THR B 71 -20.89 -21.06 -22.42
CA THR B 71 -21.01 -20.98 -23.86
C THR B 71 -21.72 -22.22 -24.38
N ALA B 72 -21.98 -22.24 -25.68
CA ALA B 72 -22.63 -23.39 -26.33
C ALA B 72 -21.57 -24.43 -26.73
N PRO B 73 -21.90 -25.71 -26.60
CA PRO B 73 -20.96 -26.78 -27.00
C PRO B 73 -20.88 -26.92 -28.52
N ALA B 81 -24.63 -30.27 -22.70
CA ALA B 81 -24.68 -29.25 -21.67
C ALA B 81 -23.79 -28.04 -22.00
N PRO B 82 -24.16 -26.85 -21.53
CA PRO B 82 -23.38 -25.63 -21.80
C PRO B 82 -21.97 -25.74 -21.22
N VAL B 83 -21.02 -25.06 -21.85
CA VAL B 83 -19.64 -25.08 -21.38
C VAL B 83 -19.39 -23.93 -20.41
N THR B 84 -18.81 -24.26 -19.26
CA THR B 84 -18.52 -23.25 -18.25
C THR B 84 -17.16 -22.62 -18.48
N LEU B 85 -16.95 -21.44 -17.88
CA LEU B 85 -15.69 -20.72 -18.01
C LEU B 85 -14.52 -21.57 -17.53
N PHE B 86 -14.72 -22.25 -16.39
CA PHE B 86 -13.67 -23.10 -15.84
C PHE B 86 -13.20 -24.11 -16.91
N THR B 87 -14.16 -24.81 -17.50
CA THR B 87 -13.86 -25.79 -18.53
C THR B 87 -13.10 -25.11 -19.67
N ARG B 88 -13.57 -23.97 -20.14
CA ARG B 88 -12.87 -23.27 -21.22
C ARG B 88 -11.43 -22.96 -20.80
N CYS B 89 -11.26 -22.57 -19.52
CA CYS B 89 -9.95 -22.25 -19.00
C CYS B 89 -9.05 -23.46 -18.92
N ALA B 90 -9.58 -24.55 -18.39
CA ALA B 90 -8.82 -25.79 -18.31
C ALA B 90 -8.45 -26.21 -19.73
N GLU B 91 -9.35 -26.02 -20.68
CA GLU B 91 -9.09 -26.38 -22.07
C GLU B 91 -7.93 -25.59 -22.69
N LEU B 92 -7.73 -24.34 -22.27
CA LEU B 92 -6.58 -23.56 -22.76
C LEU B 92 -5.26 -24.17 -22.29
N VAL B 93 -5.19 -24.46 -20.99
CA VAL B 93 -3.99 -25.01 -20.40
C VAL B 93 -3.76 -26.39 -21.02
N ALA B 94 -4.83 -27.18 -21.14
CA ALA B 94 -4.71 -28.51 -21.74
C ALA B 94 -4.16 -28.43 -23.15
N ALA B 95 -4.59 -27.42 -23.91
CA ALA B 95 -4.13 -27.26 -25.27
C ALA B 95 -2.60 -27.19 -25.35
N CYS B 96 -1.96 -26.68 -24.31
CA CYS B 96 -0.50 -26.60 -24.29
C CYS B 96 0.09 -27.98 -24.06
N TYR B 97 -0.54 -28.72 -23.14
CA TYR B 97 -0.06 -30.05 -22.79
C TYR B 97 -0.26 -31.04 -23.94
N THR B 98 -1.44 -30.99 -24.57
CA THR B 98 -1.75 -31.83 -25.71
C THR B 98 -0.74 -31.61 -26.85
N HIS B 99 -0.41 -30.35 -27.13
CA HIS B 99 0.45 -30.06 -28.26
C HIS B 99 1.94 -30.19 -28.01
N TRP B 100 2.40 -29.69 -26.86
CA TRP B 100 3.83 -29.71 -26.54
C TRP B 100 4.22 -30.47 -25.28
N GLY B 101 3.23 -31.02 -24.55
CA GLY B 101 3.52 -31.75 -23.33
C GLY B 101 3.93 -30.90 -22.14
N ARG B 102 3.69 -29.60 -22.19
CA ARG B 102 4.05 -28.73 -21.07
C ARG B 102 3.48 -27.31 -21.08
N CYS B 103 3.54 -26.67 -19.91
CA CYS B 103 3.11 -25.29 -19.71
C CYS B 103 3.91 -24.70 -18.58
N ASP B 104 4.93 -23.91 -18.92
CA ASP B 104 5.84 -23.33 -17.95
C ASP B 104 5.48 -21.95 -17.44
N VAL B 105 4.90 -21.16 -18.35
CA VAL B 105 4.55 -19.77 -18.08
C VAL B 105 3.12 -19.50 -18.51
N LEU B 106 2.43 -18.71 -17.69
CA LEU B 106 1.08 -18.26 -17.99
C LEU B 106 1.11 -16.76 -17.80
N VAL B 107 0.62 -16.03 -18.80
CA VAL B 107 0.52 -14.58 -18.69
C VAL B 107 -0.95 -14.22 -18.81
N ASN B 108 -1.56 -13.82 -17.70
CA ASN B 108 -2.96 -13.39 -17.72
C ASN B 108 -2.99 -11.95 -18.21
N ASN B 109 -3.10 -11.80 -19.53
CA ASN B 109 -3.11 -10.47 -20.13
C ASN B 109 -4.47 -10.02 -20.66
N ALA B 110 -5.25 -10.96 -21.21
CA ALA B 110 -6.55 -10.61 -21.79
C ALA B 110 -7.36 -9.77 -20.79
N SER B 111 -8.02 -8.73 -21.27
CA SER B 111 -8.78 -7.86 -20.38
C SER B 111 -9.75 -6.97 -21.09
N SER B 112 -10.99 -6.92 -20.62
CA SER B 112 -11.96 -5.97 -21.18
C SER B 112 -11.87 -4.70 -20.32
N PHE B 113 -12.18 -3.56 -20.92
CA PHE B 113 -12.04 -2.27 -20.28
C PHE B 113 -12.97 -1.25 -20.94
N TYR B 114 -14.03 -0.86 -20.24
CA TYR B 114 -14.96 0.16 -20.71
C TYR B 114 -15.71 0.64 -19.47
N PRO B 115 -16.41 1.77 -19.58
CA PRO B 115 -17.11 2.36 -18.43
C PRO B 115 -18.29 1.60 -17.87
N THR B 116 -18.49 1.75 -16.56
CA THR B 116 -19.66 1.24 -15.85
C THR B 116 -19.94 2.31 -14.81
N PRO B 117 -20.45 3.44 -15.31
CA PRO B 117 -20.72 4.61 -14.45
C PRO B 117 -21.73 4.28 -13.38
N LEU B 118 -21.56 4.86 -12.20
CA LEU B 118 -22.50 4.66 -11.10
C LEU B 118 -23.71 5.55 -11.28
N LEU B 119 -23.51 6.72 -11.89
CA LEU B 119 -24.63 7.63 -12.12
C LEU B 119 -25.27 7.54 -13.51
N GLY B 131 -32.75 -5.49 -22.73
CA GLY B 131 -32.24 -4.39 -23.53
C GLY B 131 -31.49 -3.33 -22.73
N ASP B 132 -31.25 -3.64 -21.46
CA ASP B 132 -30.57 -2.75 -20.50
C ASP B 132 -30.12 -3.64 -19.34
N ARG B 133 -30.88 -4.70 -19.09
CA ARG B 133 -30.53 -5.67 -18.06
C ARG B 133 -29.38 -6.49 -18.63
N GLU B 134 -29.44 -6.70 -19.94
CA GLU B 134 -28.42 -7.47 -20.64
C GLU B 134 -27.10 -6.70 -20.61
N ALA B 135 -27.19 -5.38 -20.60
CA ALA B 135 -26.01 -4.51 -20.56
C ALA B 135 -25.25 -4.65 -19.24
N MET B 136 -25.95 -4.50 -18.12
CA MET B 136 -25.27 -4.61 -16.83
C MET B 136 -24.86 -6.04 -16.53
N GLU B 137 -25.70 -6.99 -16.95
CA GLU B 137 -25.40 -8.41 -16.73
C GLU B 137 -24.18 -8.93 -17.52
N THR B 138 -24.01 -8.47 -18.76
CA THR B 138 -22.85 -8.90 -19.55
C THR B 138 -21.59 -8.13 -19.19
N ALA B 139 -21.73 -6.87 -18.78
CA ALA B 139 -20.57 -6.09 -18.38
C ALA B 139 -19.91 -6.71 -17.15
N THR B 140 -20.72 -7.10 -16.17
CA THR B 140 -20.21 -7.67 -14.94
C THR B 140 -19.45 -8.95 -15.25
N ALA B 141 -20.06 -9.84 -16.02
CA ALA B 141 -19.41 -11.10 -16.35
C ALA B 141 -18.18 -10.96 -17.22
N ASP B 142 -18.24 -10.08 -18.21
CA ASP B 142 -17.15 -9.82 -19.13
C ASP B 142 -15.97 -9.15 -18.43
N LEU B 143 -16.20 -8.01 -17.80
CA LEU B 143 -15.15 -7.27 -17.10
C LEU B 143 -14.55 -8.10 -15.99
N PHE B 144 -15.37 -8.75 -15.17
CA PHE B 144 -14.87 -9.56 -14.07
C PHE B 144 -14.26 -10.89 -14.51
N GLY B 145 -14.81 -11.46 -15.58
CA GLY B 145 -14.31 -12.73 -16.09
C GLY B 145 -12.91 -12.62 -16.64
N SER B 146 -12.74 -11.68 -17.57
CA SER B 146 -11.47 -11.46 -18.26
C SER B 146 -10.34 -11.00 -17.34
N ASN B 147 -10.64 -10.04 -16.48
CA ASN B 147 -9.65 -9.48 -15.56
C ASN B 147 -9.41 -10.23 -14.27
N ALA B 148 -10.32 -11.15 -13.88
CA ALA B 148 -10.21 -11.82 -12.58
C ALA B 148 -10.63 -13.30 -12.49
N ILE B 149 -11.88 -13.61 -12.82
CA ILE B 149 -12.34 -14.99 -12.71
C ILE B 149 -11.59 -15.95 -13.64
N ALA B 150 -11.45 -15.59 -14.93
CA ALA B 150 -10.71 -16.49 -15.84
C ALA B 150 -9.27 -16.71 -15.36
N PRO B 151 -8.53 -15.65 -15.00
CA PRO B 151 -7.17 -15.81 -14.48
C PRO B 151 -7.13 -16.75 -13.27
N TYR B 152 -8.18 -16.69 -12.45
CA TYR B 152 -8.27 -17.56 -11.28
C TYR B 152 -8.32 -19.01 -11.76
N PHE B 153 -9.20 -19.30 -12.71
CA PHE B 153 -9.38 -20.67 -13.16
C PHE B 153 -8.20 -21.16 -13.99
N LEU B 154 -7.57 -20.24 -14.72
CA LEU B 154 -6.42 -20.57 -15.54
C LEU B 154 -5.29 -20.95 -14.60
N ILE B 155 -5.11 -20.19 -13.52
CA ILE B 155 -4.06 -20.49 -12.54
C ILE B 155 -4.35 -21.85 -11.90
N LYS B 156 -5.62 -22.09 -11.60
CA LYS B 156 -6.00 -23.36 -10.97
C LYS B 156 -5.64 -24.52 -11.90
N ALA B 157 -6.05 -24.39 -13.17
CA ALA B 157 -5.76 -25.40 -14.16
C ALA B 157 -4.27 -25.60 -14.31
N PHE B 158 -3.53 -24.50 -14.39
CA PHE B 158 -2.09 -24.52 -14.59
C PHE B 158 -1.41 -25.26 -13.44
N ALA B 159 -1.85 -24.97 -12.22
CA ALA B 159 -1.31 -25.60 -11.03
C ALA B 159 -1.61 -27.10 -10.89
N HIS B 160 -2.78 -27.51 -11.34
CA HIS B 160 -3.20 -28.90 -11.23
C HIS B 160 -2.30 -29.70 -12.15
N ARG B 161 -2.01 -29.13 -13.30
CA ARG B 161 -1.17 -29.82 -14.26
C ARG B 161 0.25 -29.98 -13.70
N VAL B 162 0.72 -28.98 -13.00
CA VAL B 162 2.04 -29.08 -12.39
C VAL B 162 1.98 -30.13 -11.27
N ALA B 163 1.00 -30.04 -10.38
CA ALA B 163 0.87 -31.01 -9.30
C ALA B 163 0.78 -32.48 -9.79
N GLY B 164 0.07 -32.71 -10.89
CA GLY B 164 -0.08 -34.05 -11.44
C GLY B 164 1.11 -34.54 -12.24
N THR B 165 2.11 -33.67 -12.38
CA THR B 165 3.35 -34.02 -13.06
C THR B 165 4.29 -34.55 -11.97
N PRO B 166 4.86 -35.74 -12.18
CA PRO B 166 5.83 -36.30 -11.23
C PRO B 166 6.99 -35.33 -11.09
N ALA B 167 7.41 -35.07 -9.86
CA ALA B 167 8.48 -34.12 -9.56
C ALA B 167 9.71 -34.15 -10.49
N LYS B 168 10.14 -35.36 -10.86
CA LYS B 168 11.32 -35.55 -11.71
C LYS B 168 11.16 -35.04 -13.13
N HIS B 169 9.92 -34.83 -13.55
CA HIS B 169 9.64 -34.36 -14.90
C HIS B 169 9.22 -32.88 -14.94
N ARG B 170 8.95 -32.33 -13.77
CA ARG B 170 8.54 -30.93 -13.67
C ARG B 170 9.57 -29.97 -14.24
N GLY B 171 9.10 -28.83 -14.75
CA GLY B 171 9.97 -27.79 -15.27
C GLY B 171 10.66 -27.13 -14.07
N THR B 172 11.73 -26.41 -14.36
CA THR B 172 12.53 -25.76 -13.34
C THR B 172 12.25 -24.26 -13.20
N ASN B 173 11.24 -23.76 -13.91
CA ASN B 173 10.97 -22.31 -13.84
C ASN B 173 9.53 -21.95 -14.18
N TYR B 174 8.61 -22.33 -13.30
CA TYR B 174 7.20 -22.04 -13.52
C TYR B 174 6.97 -20.60 -13.14
N SER B 175 6.28 -19.85 -13.99
CA SER B 175 6.04 -18.44 -13.73
C SER B 175 4.74 -17.94 -14.32
N ILE B 176 3.91 -17.33 -13.46
CA ILE B 176 2.63 -16.74 -13.82
C ILE B 176 2.68 -15.23 -13.60
N ILE B 177 2.30 -14.48 -14.61
CA ILE B 177 2.29 -13.03 -14.54
C ILE B 177 0.88 -12.55 -14.79
N ASN B 178 0.39 -11.72 -13.87
CA ASN B 178 -0.94 -11.14 -14.01
C ASN B 178 -0.79 -9.67 -14.41
N MET B 179 -1.43 -9.27 -15.51
CA MET B 179 -1.33 -7.88 -15.96
C MET B 179 -2.31 -7.05 -15.15
N VAL B 180 -1.78 -6.33 -14.16
CA VAL B 180 -2.57 -5.46 -13.32
C VAL B 180 -2.60 -4.01 -13.86
N ASP B 181 -2.76 -3.02 -12.99
CA ASP B 181 -2.87 -1.64 -13.46
C ASP B 181 -2.21 -0.72 -12.45
N ALA B 182 -1.15 -0.03 -12.82
CA ALA B 182 -0.49 0.85 -11.86
C ALA B 182 -1.38 1.97 -11.33
N MET B 183 -2.45 2.29 -12.06
CA MET B 183 -3.28 3.43 -11.71
C MET B 183 -4.63 3.20 -11.03
N THR B 184 -5.00 1.94 -10.83
CA THR B 184 -6.31 1.67 -10.20
C THR B 184 -6.50 2.25 -8.79
N ASN B 185 -5.42 2.54 -8.06
CA ASN B 185 -5.55 3.13 -6.73
C ASN B 185 -5.93 4.60 -6.81
N GLN B 186 -5.81 5.16 -8.01
CA GLN B 186 -6.24 6.54 -8.28
C GLN B 186 -7.26 6.32 -9.40
N PRO B 187 -8.45 5.85 -9.05
CA PRO B 187 -9.42 5.38 -10.05
C PRO B 187 -9.78 6.32 -11.18
N LEU B 188 -9.94 5.67 -12.32
CA LEU B 188 -10.36 6.34 -13.53
C LEU B 188 -11.87 6.55 -13.36
N LEU B 189 -12.31 7.80 -13.35
CA LEU B 189 -13.73 8.11 -13.16
C LEU B 189 -14.70 7.34 -14.04
N GLY B 190 -15.64 6.61 -13.42
CA GLY B 190 -16.63 5.86 -14.17
C GLY B 190 -16.27 4.44 -14.60
N TYR B 191 -15.17 3.90 -14.10
CA TYR B 191 -14.73 2.54 -14.45
C TYR B 191 -14.76 1.57 -13.27
N THR B 192 -15.71 1.78 -12.38
CA THR B 192 -15.80 0.96 -11.17
C THR B 192 -15.60 -0.56 -11.27
N ILE B 193 -16.36 -1.24 -12.12
CA ILE B 193 -16.25 -2.69 -12.25
C ILE B 193 -14.86 -3.09 -12.73
N TYR B 194 -14.33 -2.37 -13.71
CA TYR B 194 -12.96 -2.67 -14.17
C TYR B 194 -11.96 -2.52 -13.03
N THR B 195 -12.04 -1.41 -12.30
CA THR B 195 -11.14 -1.15 -11.17
C THR B 195 -11.32 -2.22 -10.10
N MET B 196 -12.55 -2.65 -9.88
CA MET B 196 -12.81 -3.69 -8.90
C MET B 196 -12.14 -4.99 -9.32
N ALA B 197 -12.25 -5.33 -10.61
CA ALA B 197 -11.65 -6.56 -11.10
C ALA B 197 -10.13 -6.55 -11.00
N LYS B 198 -9.51 -5.41 -11.29
CA LYS B 198 -8.05 -5.36 -11.18
C LYS B 198 -7.61 -5.54 -9.73
N GLY B 199 -8.42 -5.05 -8.79
CA GLY B 199 -8.15 -5.23 -7.36
C GLY B 199 -8.23 -6.71 -7.01
N ALA B 200 -9.22 -7.39 -7.59
CA ALA B 200 -9.37 -8.83 -7.38
C ALA B 200 -8.15 -9.56 -7.95
N LEU B 201 -7.69 -9.08 -9.10
CA LEU B 201 -6.49 -9.65 -9.74
C LEU B 201 -5.24 -9.49 -8.84
N GLU B 202 -5.13 -8.38 -8.10
CA GLU B 202 -3.99 -8.18 -7.22
C GLU B 202 -4.03 -9.21 -6.09
N GLY B 203 -5.23 -9.44 -5.57
CA GLY B 203 -5.44 -10.40 -4.52
C GLY B 203 -5.11 -11.78 -5.01
N LEU B 204 -5.52 -12.10 -6.25
CA LEU B 204 -5.23 -13.42 -6.80
C LEU B 204 -3.71 -13.64 -6.84
N THR B 205 -2.99 -12.61 -7.27
CA THR B 205 -1.54 -12.63 -7.34
C THR B 205 -0.93 -12.98 -5.99
N ARG B 206 -1.36 -12.33 -4.93
CA ARG B 206 -0.82 -12.60 -3.59
C ARG B 206 -1.26 -13.97 -3.08
N SER B 207 -2.53 -14.29 -3.25
CA SER B 207 -3.06 -15.55 -2.76
C SER B 207 -2.44 -16.74 -3.50
N ALA B 208 -2.39 -16.67 -4.83
CA ALA B 208 -1.79 -17.78 -5.58
C ALA B 208 -0.29 -17.87 -5.27
N ALA B 209 0.40 -16.73 -5.14
CA ALA B 209 1.84 -16.78 -4.82
C ALA B 209 2.09 -17.57 -3.55
N LEU B 210 1.27 -17.32 -2.52
CA LEU B 210 1.44 -18.02 -1.25
C LEU B 210 1.08 -19.50 -1.34
N GLU B 211 -0.08 -19.81 -1.91
CA GLU B 211 -0.52 -21.19 -2.01
C GLU B 211 0.32 -22.05 -2.98
N LEU B 212 0.88 -21.45 -4.02
CA LEU B 212 1.63 -22.23 -5.01
C LEU B 212 3.14 -22.25 -4.81
N ALA B 213 3.59 -21.56 -3.75
CA ALA B 213 5.01 -21.54 -3.43
C ALA B 213 5.60 -22.96 -3.28
N PRO B 214 4.92 -23.88 -2.60
CA PRO B 214 5.46 -25.23 -2.43
C PRO B 214 5.74 -25.94 -3.76
N LEU B 215 5.02 -25.57 -4.82
CA LEU B 215 5.24 -26.15 -6.15
C LEU B 215 6.26 -25.36 -6.95
N GLN B 216 6.83 -24.34 -6.32
CA GLN B 216 7.81 -23.51 -7.00
C GLN B 216 7.21 -22.76 -8.20
N ILE B 217 5.91 -22.48 -8.10
CA ILE B 217 5.22 -21.69 -9.11
C ILE B 217 5.18 -20.26 -8.58
N ARG B 218 5.90 -19.36 -9.23
CA ARG B 218 5.96 -17.94 -8.87
C ARG B 218 4.77 -17.22 -9.49
N VAL B 219 4.18 -16.32 -8.73
CA VAL B 219 3.05 -15.54 -9.25
C VAL B 219 3.28 -14.07 -8.97
N ASN B 220 3.43 -13.30 -10.04
CA ASN B 220 3.68 -11.88 -9.94
C ASN B 220 2.81 -11.03 -10.87
N GLY B 221 2.76 -9.73 -10.58
CA GLY B 221 1.98 -8.82 -11.38
C GLY B 221 2.84 -7.74 -12.00
N VAL B 222 2.43 -7.29 -13.18
CA VAL B 222 3.06 -6.19 -13.86
C VAL B 222 1.91 -5.22 -14.13
N GLY B 223 2.07 -3.98 -13.67
CA GLY B 223 1.02 -3.00 -13.87
C GLY B 223 1.44 -1.78 -14.68
N PRO B 224 1.01 -1.70 -15.94
CA PRO B 224 1.26 -0.51 -16.77
C PRO B 224 0.49 0.70 -16.24
N GLY B 225 0.93 1.88 -16.66
CA GLY B 225 0.29 3.15 -16.34
C GLY B 225 -0.45 3.48 -17.62
N LEU B 226 0.23 4.18 -18.53
CA LEU B 226 -0.35 4.48 -19.84
C LEU B 226 0.56 3.84 -20.87
N SER B 227 0.05 2.86 -21.61
CA SER B 227 0.82 2.16 -22.62
C SER B 227 0.10 2.10 -23.95
N VAL B 228 0.81 2.45 -25.03
CA VAL B 228 0.25 2.49 -26.38
C VAL B 228 -1.17 3.04 -26.26
N LEU B 229 -1.26 4.18 -25.61
CA LEU B 229 -2.53 4.83 -25.32
C LEU B 229 -3.47 4.99 -26.50
N VAL B 230 -4.68 4.45 -26.36
CA VAL B 230 -5.72 4.61 -27.40
C VAL B 230 -5.94 6.10 -27.61
N ASP B 231 -5.98 6.52 -28.88
CA ASP B 231 -6.09 7.93 -29.24
C ASP B 231 -7.35 8.38 -30.00
N ASP B 232 -8.50 7.78 -29.70
CA ASP B 232 -9.74 8.15 -30.36
C ASP B 232 -10.28 9.40 -29.68
N MET B 233 -9.57 10.51 -29.84
CA MET B 233 -9.91 11.78 -29.21
C MET B 233 -9.03 12.88 -29.83
N PRO B 234 -9.38 14.15 -29.61
CA PRO B 234 -8.57 15.25 -30.16
C PRO B 234 -7.10 15.14 -29.72
N PRO B 235 -6.18 15.49 -30.62
CA PRO B 235 -4.74 15.46 -30.34
C PRO B 235 -4.35 16.23 -29.05
N ALA B 236 -4.87 17.44 -28.88
CA ALA B 236 -4.56 18.19 -27.66
C ALA B 236 -4.98 17.40 -26.42
N VAL B 237 -6.08 16.66 -26.50
CA VAL B 237 -6.53 15.89 -25.35
C VAL B 237 -5.59 14.71 -25.12
N TRP B 238 -5.24 14.02 -26.20
CA TRP B 238 -4.33 12.88 -26.16
C TRP B 238 -2.96 13.31 -25.63
N GLU B 239 -2.47 14.44 -26.14
CA GLU B 239 -1.20 15.03 -25.75
C GLU B 239 -1.27 15.54 -24.31
N GLY B 240 -2.47 15.95 -23.87
CA GLY B 240 -2.69 16.41 -22.52
C GLY B 240 -2.51 15.20 -21.61
N HIS B 241 -3.11 14.07 -21.97
CA HIS B 241 -2.94 12.88 -21.15
C HIS B 241 -1.49 12.37 -21.08
N ARG B 242 -0.83 12.19 -22.21
CA ARG B 242 0.54 11.68 -22.10
C ARG B 242 1.48 12.64 -21.39
N SER B 243 1.24 13.94 -21.55
CA SER B 243 2.08 14.96 -20.95
C SER B 243 2.12 14.90 -19.42
N LYS B 244 1.14 14.22 -18.82
CA LYS B 244 1.08 14.08 -17.37
C LYS B 244 2.04 13.03 -16.77
N VAL B 245 2.62 12.16 -17.61
CA VAL B 245 3.54 11.13 -17.17
C VAL B 245 4.89 11.80 -16.87
N PRO B 246 5.36 11.74 -15.62
CA PRO B 246 6.60 12.44 -15.27
C PRO B 246 7.78 11.99 -16.12
N LEU B 247 7.95 10.69 -16.33
CA LEU B 247 9.08 10.23 -17.12
C LEU B 247 8.74 10.23 -18.62
N TYR B 248 9.45 11.07 -19.38
CA TYR B 248 9.27 11.21 -20.84
C TYR B 248 8.02 11.93 -21.33
N GLN B 249 7.06 12.20 -20.47
CA GLN B 249 5.81 12.87 -20.88
C GLN B 249 5.16 12.14 -22.06
N ARG B 250 5.15 10.81 -21.97
CA ARG B 250 4.50 10.02 -23.00
C ARG B 250 4.07 8.67 -22.41
N ASP B 251 3.14 8.01 -23.10
CA ASP B 251 2.73 6.68 -22.71
C ASP B 251 3.91 5.80 -23.14
N SER B 252 3.94 4.55 -22.69
CA SER B 252 5.02 3.64 -23.03
C SER B 252 4.77 2.86 -24.32
N SER B 253 5.82 2.19 -24.79
CA SER B 253 5.72 1.34 -25.96
C SER B 253 5.35 -0.03 -25.39
N ALA B 254 4.94 -0.94 -26.25
CA ALA B 254 4.59 -2.28 -25.82
C ALA B 254 5.82 -2.99 -25.27
N ALA B 255 6.97 -2.81 -25.92
CA ALA B 255 8.19 -3.48 -25.47
C ALA B 255 8.60 -3.05 -24.05
N GLU B 256 8.43 -1.76 -23.77
CA GLU B 256 8.75 -1.19 -22.46
C GLU B 256 7.99 -1.90 -21.34
N VAL B 257 6.84 -2.49 -21.65
CA VAL B 257 6.09 -3.25 -20.66
C VAL B 257 6.46 -4.73 -20.79
N SER B 258 6.45 -5.24 -22.02
CA SER B 258 6.74 -6.66 -22.23
C SER B 258 8.13 -7.11 -21.75
N ASP B 259 9.13 -6.23 -21.81
CA ASP B 259 10.47 -6.63 -21.36
C ASP B 259 10.48 -6.92 -19.88
N VAL B 260 9.62 -6.24 -19.12
CA VAL B 260 9.55 -6.45 -17.68
C VAL B 260 8.87 -7.80 -17.43
N VAL B 261 7.81 -8.08 -18.18
CA VAL B 261 7.15 -9.38 -18.07
C VAL B 261 8.17 -10.49 -18.31
N ILE B 262 8.91 -10.37 -19.43
CA ILE B 262 9.91 -11.37 -19.79
C ILE B 262 10.94 -11.52 -18.67
N PHE B 263 11.38 -10.40 -18.10
CA PHE B 263 12.36 -10.51 -17.03
C PHE B 263 11.79 -11.28 -15.84
N LEU B 264 10.55 -11.02 -15.48
CA LEU B 264 9.96 -11.69 -14.32
C LEU B 264 9.82 -13.18 -14.53
N CYS B 265 9.77 -13.58 -15.80
CA CYS B 265 9.64 -14.98 -16.19
C CYS B 265 11.00 -15.69 -16.23
N SER B 266 12.07 -14.91 -16.32
CA SER B 266 13.40 -15.49 -16.40
C SER B 266 13.92 -16.07 -15.09
N SER B 267 14.91 -16.96 -15.19
CA SER B 267 15.46 -17.59 -13.99
C SER B 267 16.16 -16.60 -13.06
N LYS B 268 16.46 -15.40 -13.54
CA LYS B 268 17.10 -14.41 -12.69
C LYS B 268 16.08 -13.83 -11.71
N ALA B 269 14.79 -13.98 -12.00
CA ALA B 269 13.76 -13.45 -11.12
C ALA B 269 13.15 -14.55 -10.23
N LYS B 270 13.83 -15.68 -10.08
CA LYS B 270 13.31 -16.84 -9.35
C LYS B 270 13.08 -16.72 -7.83
N TYR B 271 13.46 -15.59 -7.26
CA TYR B 271 13.19 -15.35 -5.84
C TYR B 271 12.06 -14.34 -5.67
N ILE B 272 11.59 -13.78 -6.78
CA ILE B 272 10.53 -12.79 -6.73
C ILE B 272 9.19 -13.50 -6.87
N THR B 273 8.30 -13.27 -5.91
CA THR B 273 6.96 -13.85 -6.00
C THR B 273 5.96 -13.06 -5.17
N GLY B 274 4.72 -12.97 -5.62
CA GLY B 274 3.69 -12.23 -4.90
C GLY B 274 3.83 -10.72 -4.99
N THR B 275 4.58 -10.24 -5.95
CA THR B 275 4.80 -8.80 -6.06
C THR B 275 4.27 -8.25 -7.38
N CYS B 276 3.79 -7.01 -7.35
CA CYS B 276 3.28 -6.31 -8.51
C CYS B 276 4.25 -5.20 -8.82
N VAL B 277 4.77 -5.17 -10.05
CA VAL B 277 5.74 -4.19 -10.49
C VAL B 277 5.10 -3.13 -11.37
N LYS B 278 5.14 -1.87 -10.92
CA LYS B 278 4.61 -0.76 -11.70
C LYS B 278 5.59 -0.44 -12.85
N VAL B 279 5.03 -0.20 -14.05
CA VAL B 279 5.77 0.17 -15.26
C VAL B 279 4.95 1.32 -15.80
N ASP B 280 5.10 2.47 -15.15
CA ASP B 280 4.26 3.62 -15.42
C ASP B 280 4.95 4.97 -15.52
N GLY B 281 6.27 4.97 -15.60
CA GLY B 281 6.98 6.23 -15.69
C GLY B 281 6.68 7.26 -14.60
N GLY B 282 6.31 6.80 -13.41
CA GLY B 282 6.03 7.72 -12.33
C GLY B 282 4.64 8.33 -12.29
N TYR B 283 3.74 7.87 -13.16
CA TYR B 283 2.39 8.42 -13.23
C TYR B 283 1.64 8.32 -11.90
N SER B 284 1.77 7.18 -11.22
CA SER B 284 1.09 6.99 -9.93
C SER B 284 1.61 7.92 -8.84
N LEU B 285 2.69 8.65 -9.10
CA LEU B 285 3.22 9.58 -8.12
C LEU B 285 2.55 10.94 -8.27
N THR B 286 1.71 11.09 -9.29
CA THR B 286 1.07 12.36 -9.54
C THR B 286 -0.20 12.53 -8.72
N ARG B 287 -0.62 13.78 -8.61
CA ARG B 287 -1.85 14.14 -7.90
C ARG B 287 -2.48 15.24 -8.75
N ALA B 288 -3.79 15.47 -8.59
CA ALA B 288 -4.47 16.50 -9.38
C ALA B 288 -4.01 17.90 -8.98
N THR C 5 -11.41 10.44 37.01
CA THR C 5 -9.95 10.55 36.67
C THR C 5 -9.81 11.52 35.50
N VAL C 6 -8.87 12.45 35.60
CA VAL C 6 -8.66 13.41 34.52
C VAL C 6 -7.38 13.03 33.77
N PRO C 7 -7.55 12.63 32.51
CA PRO C 7 -6.40 12.24 31.70
C PRO C 7 -5.65 13.48 31.17
N VAL C 8 -4.38 13.24 30.83
CA VAL C 8 -3.49 14.29 30.35
C VAL C 8 -3.07 14.04 28.92
N ALA C 9 -3.08 15.09 28.10
CA ALA C 9 -2.64 15.00 26.71
C ALA C 9 -1.49 15.96 26.45
N LEU C 10 -0.42 15.48 25.83
CA LEU C 10 0.68 16.34 25.42
C LEU C 10 0.53 16.50 23.90
N VAL C 11 0.41 17.75 23.45
CA VAL C 11 0.25 18.05 22.04
C VAL C 11 1.36 19.01 21.62
N THR C 12 2.24 18.57 20.72
CA THR C 12 3.32 19.43 20.25
C THR C 12 2.81 20.34 19.15
N GLY C 13 3.38 21.54 19.07
CA GLY C 13 2.97 22.54 18.11
C GLY C 13 1.50 22.83 18.24
N ALA C 14 1.05 23.05 19.48
CA ALA C 14 -0.34 23.26 19.82
C ALA C 14 -0.86 24.69 19.73
N ALA C 15 0.04 25.63 19.47
CA ALA C 15 -0.30 27.05 19.43
C ALA C 15 -1.38 27.46 18.44
N LYS C 16 -1.36 26.86 17.25
CA LYS C 16 -2.33 27.26 16.23
C LYS C 16 -2.75 26.16 15.28
N ARG C 17 -3.60 26.53 14.32
CA ARG C 17 -4.06 25.65 13.27
C ARG C 17 -4.50 24.26 13.76
N LEU C 18 -3.91 23.20 13.22
CA LEU C 18 -4.33 21.84 13.61
C LEU C 18 -4.01 21.46 15.06
N GLY C 19 -2.81 21.77 15.52
CA GLY C 19 -2.41 21.50 16.90
C GLY C 19 -3.35 22.17 17.90
N ARG C 20 -3.74 23.40 17.62
CA ARG C 20 -4.67 24.08 18.49
C ARG C 20 -6.02 23.36 18.48
N SER C 21 -6.53 23.04 17.29
CA SER C 21 -7.80 22.33 17.19
C SER C 21 -7.73 20.98 17.91
N ILE C 22 -6.58 20.33 17.82
CA ILE C 22 -6.43 19.05 18.51
C ILE C 22 -6.47 19.30 20.03
N ALA C 23 -5.78 20.34 20.50
CA ALA C 23 -5.74 20.64 21.93
C ALA C 23 -7.12 21.00 22.46
N GLU C 24 -7.84 21.80 21.68
CA GLU C 24 -9.18 22.23 22.03
C GLU C 24 -10.12 21.03 22.11
N GLY C 25 -10.03 20.15 21.12
CA GLY C 25 -10.87 18.97 21.04
C GLY C 25 -10.65 18.05 22.21
N LEU C 26 -9.37 17.78 22.50
CA LEU C 26 -9.00 16.94 23.62
C LEU C 26 -9.48 17.56 24.93
N HIS C 27 -9.33 18.88 25.06
CA HIS C 27 -9.79 19.63 26.23
C HIS C 27 -11.32 19.49 26.40
N ALA C 28 -12.07 19.65 25.32
CA ALA C 28 -13.54 19.51 25.37
C ALA C 28 -13.96 18.12 25.84
N GLU C 29 -13.11 17.12 25.61
CA GLU C 29 -13.44 15.76 26.04
C GLU C 29 -13.03 15.56 27.50
N GLY C 30 -12.47 16.57 28.14
CA GLY C 30 -12.08 16.46 29.53
C GLY C 30 -10.61 16.27 29.82
N TYR C 31 -9.77 16.36 28.79
CA TYR C 31 -8.34 16.18 29.00
C TYR C 31 -7.68 17.44 29.53
N ALA C 32 -6.68 17.27 30.39
CA ALA C 32 -5.82 18.40 30.78
C ALA C 32 -4.78 18.40 29.66
N VAL C 33 -4.45 19.56 29.13
CA VAL C 33 -3.54 19.60 27.99
C VAL C 33 -2.25 20.38 28.20
N CYS C 34 -1.14 19.74 27.83
CA CYS C 34 0.17 20.38 27.86
C CYS C 34 0.41 20.86 26.43
N LEU C 35 0.35 22.17 26.23
CA LEU C 35 0.53 22.78 24.91
C LEU C 35 2.00 23.11 24.61
N HIS C 36 2.65 22.33 23.75
CA HIS C 36 4.03 22.61 23.37
C HIS C 36 4.06 23.65 22.27
N TYR C 37 5.10 24.48 22.27
CA TYR C 37 5.25 25.45 21.23
C TYR C 37 6.73 25.69 21.05
N HIS C 38 7.10 26.25 19.89
CA HIS C 38 8.50 26.56 19.63
C HIS C 38 8.69 28.08 19.58
N ARG C 39 8.10 28.75 18.59
CA ARG C 39 8.21 30.20 18.47
C ARG C 39 6.90 30.95 18.76
N SER C 40 5.76 30.26 18.83
CA SER C 40 4.49 30.93 19.06
C SER C 40 4.08 31.05 20.53
N ALA C 41 4.90 31.73 21.31
CA ALA C 41 4.66 31.90 22.75
C ALA C 41 3.35 32.60 23.05
N ALA C 42 3.11 33.71 22.36
CA ALA C 42 1.90 34.52 22.56
C ALA C 42 0.63 33.71 22.31
N GLU C 43 0.60 32.98 21.20
CA GLU C 43 -0.57 32.17 20.81
C GLU C 43 -0.73 30.98 21.74
N ALA C 44 0.39 30.38 22.15
CA ALA C 44 0.32 29.26 23.08
C ALA C 44 -0.26 29.74 24.41
N ASN C 45 0.30 30.83 24.94
CA ASN C 45 -0.19 31.38 26.20
C ASN C 45 -1.67 31.81 26.16
N ALA C 46 -2.11 32.38 25.04
CA ALA C 46 -3.51 32.78 24.92
C ALA C 46 -4.44 31.58 24.92
N LEU C 47 -4.00 30.50 24.27
CA LEU C 47 -4.80 29.29 24.24
C LEU C 47 -4.89 28.67 25.65
N SER C 48 -3.78 28.66 26.36
CA SER C 48 -3.74 28.16 27.73
C SER C 48 -4.71 28.96 28.62
N ALA C 49 -4.70 30.28 28.48
CA ALA C 49 -5.56 31.15 29.27
C ALA C 49 -7.02 30.78 29.04
N THR C 50 -7.40 30.59 27.78
CA THR C 50 -8.75 30.25 27.41
C THR C 50 -9.19 28.91 28.01
N LEU C 51 -8.32 27.91 27.94
CA LEU C 51 -8.65 26.62 28.49
C LEU C 51 -8.67 26.64 30.02
N ASN C 52 -7.70 27.31 30.64
CA ASN C 52 -7.69 27.42 32.11
C ASN C 52 -8.87 28.21 32.65
N ALA C 53 -9.35 29.18 31.88
CA ALA C 53 -10.52 29.96 32.27
C ALA C 53 -11.78 29.09 32.24
N ARG C 54 -11.88 28.17 31.28
CA ARG C 54 -13.01 27.25 31.21
C ARG C 54 -12.96 26.23 32.34
N ARG C 55 -11.76 25.74 32.65
CA ARG C 55 -11.54 24.73 33.68
C ARG C 55 -10.14 24.96 34.30
N PRO C 56 -10.10 25.32 35.58
CA PRO C 56 -8.82 25.64 36.23
C PRO C 56 -7.80 24.50 36.19
N ASN C 57 -6.53 24.86 36.01
CA ASN C 57 -5.44 23.88 35.98
C ASN C 57 -5.63 22.77 34.94
N SER C 58 -6.18 23.14 33.78
CA SER C 58 -6.43 22.19 32.71
C SER C 58 -5.50 22.41 31.52
N ALA C 59 -4.58 23.37 31.62
CA ALA C 59 -3.64 23.64 30.55
C ALA C 59 -2.34 24.26 31.04
N ILE C 60 -1.25 23.92 30.36
CA ILE C 60 0.06 24.47 30.62
C ILE C 60 0.77 24.61 29.26
N THR C 61 1.87 25.34 29.20
CA THR C 61 2.59 25.49 27.94
C THR C 61 4.08 25.20 28.16
N VAL C 62 4.71 24.56 27.19
CA VAL C 62 6.13 24.27 27.32
C VAL C 62 6.81 24.62 26.02
N GLN C 63 7.96 25.27 26.13
CA GLN C 63 8.70 25.66 24.94
C GLN C 63 9.80 24.64 24.63
N ALA C 64 9.95 24.33 23.35
CA ALA C 64 11.03 23.45 22.90
C ALA C 64 11.22 23.48 21.40
N ASP C 65 12.48 23.55 21.00
CA ASP C 65 12.87 23.46 19.59
C ASP C 65 13.03 21.95 19.42
N LEU C 66 12.24 21.39 18.51
CA LEU C 66 12.24 19.93 18.24
C LEU C 66 13.16 19.54 17.09
N SER C 67 13.93 20.52 16.63
CA SER C 67 14.91 20.26 15.58
C SER C 67 16.02 19.38 16.19
N ASN C 68 16.61 18.51 15.37
CA ASN C 68 17.66 17.61 15.83
C ASN C 68 19.01 18.30 16.04
N VAL C 69 19.03 19.26 16.95
CA VAL C 69 20.25 20.00 17.28
C VAL C 69 20.36 20.20 18.79
N ALA C 70 21.60 20.47 19.22
CA ALA C 70 21.86 20.72 20.62
C ALA C 70 21.53 22.18 20.88
N THR C 71 21.00 22.47 22.07
CA THR C 71 20.69 23.85 22.44
C THR C 71 21.46 24.25 23.71
N ALA C 72 21.55 25.55 23.94
CA ALA C 72 22.27 26.07 25.11
C ALA C 72 21.40 26.04 26.37
N PRO C 73 22.01 25.75 27.52
CA PRO C 73 21.30 25.76 28.81
C PRO C 73 20.72 27.12 29.20
N ALA C 81 27.24 22.32 29.51
CA ALA C 81 27.02 21.23 28.56
C ALA C 81 25.74 21.44 27.74
N PRO C 82 25.85 21.29 26.42
CA PRO C 82 24.70 21.52 25.53
C PRO C 82 23.59 20.50 25.74
N VAL C 83 22.34 20.94 25.59
CA VAL C 83 21.19 20.07 25.78
C VAL C 83 20.82 19.42 24.46
N THR C 84 20.72 18.09 24.47
CA THR C 84 20.38 17.32 23.26
C THR C 84 18.86 17.25 23.07
N LEU C 85 18.44 16.91 21.85
CA LEU C 85 17.02 16.78 21.51
C LEU C 85 16.33 15.74 22.39
N PHE C 86 16.99 14.62 22.64
CA PHE C 86 16.40 13.58 23.49
C PHE C 86 16.03 14.16 24.85
N THR C 87 16.97 14.88 25.46
CA THR C 87 16.76 15.49 26.77
C THR C 87 15.57 16.45 26.68
N ARG C 88 15.54 17.27 25.65
CA ARG C 88 14.44 18.22 25.48
C ARG C 88 13.12 17.48 25.41
N CYS C 89 13.11 16.37 24.69
CA CYS C 89 11.92 15.53 24.56
C CYS C 89 11.48 14.92 25.88
N ALA C 90 12.42 14.31 26.60
CA ALA C 90 12.12 13.72 27.91
C ALA C 90 11.56 14.81 28.83
N GLU C 91 12.12 16.02 28.73
CA GLU C 91 11.66 17.12 29.56
C GLU C 91 10.20 17.50 29.28
N LEU C 92 9.75 17.32 28.03
CA LEU C 92 8.37 17.62 27.68
C LEU C 92 7.43 16.64 28.37
N VAL C 93 7.78 15.37 28.30
CA VAL C 93 6.96 14.35 28.91
C VAL C 93 6.99 14.50 30.42
N ALA C 94 8.18 14.79 30.95
CA ALA C 94 8.36 14.97 32.39
C ALA C 94 7.52 16.14 32.89
N ALA C 95 7.41 17.20 32.10
CA ALA C 95 6.61 18.35 32.49
C ALA C 95 5.16 17.97 32.80
N CYS C 96 4.66 16.96 32.09
CA CYS C 96 3.29 16.47 32.30
C CYS C 96 3.21 15.71 33.62
N TYR C 97 4.23 14.92 33.91
CA TYR C 97 4.22 14.13 35.13
C TYR C 97 4.43 15.00 36.36
N THR C 98 5.36 15.95 36.26
CA THR C 98 5.66 16.87 37.35
C THR C 98 4.41 17.68 37.69
N HIS C 99 3.72 18.19 36.68
CA HIS C 99 2.58 19.02 36.95
C HIS C 99 1.30 18.31 37.34
N TRP C 100 1.00 17.19 36.66
CA TRP C 100 -0.27 16.48 36.86
C TRP C 100 -0.13 15.03 37.29
N GLY C 101 1.09 14.50 37.26
CA GLY C 101 1.30 13.12 37.66
C GLY C 101 0.93 12.09 36.61
N ARG C 102 0.76 12.51 35.36
CA ARG C 102 0.43 11.55 34.31
C ARG C 102 0.56 12.07 32.89
N CYS C 103 0.56 11.14 31.94
CA CYS C 103 0.62 11.46 30.52
C CYS C 103 -0.04 10.30 29.77
N ASP C 104 -1.30 10.50 29.41
CA ASP C 104 -2.07 9.44 28.75
C ASP C 104 -2.02 9.45 27.22
N VAL C 105 -1.94 10.64 26.66
CA VAL C 105 -1.97 10.84 25.22
C VAL C 105 -0.83 11.75 24.79
N LEU C 106 -0.27 11.39 23.62
CA LEU C 106 0.80 12.17 22.99
C LEU C 106 0.39 12.35 21.55
N VAL C 107 0.32 13.59 21.11
CA VAL C 107 0.01 13.88 19.73
C VAL C 107 1.24 14.55 19.13
N ASN C 108 1.94 13.83 18.25
CA ASN C 108 3.09 14.39 17.56
C ASN C 108 2.61 15.14 16.33
N ASN C 109 2.40 16.43 16.52
CA ASN C 109 1.84 17.30 15.49
C ASN C 109 2.84 18.35 14.99
N ALA C 110 3.73 18.82 15.85
CA ALA C 110 4.69 19.85 15.46
C ALA C 110 5.42 19.42 14.21
N SER C 111 5.58 20.34 13.27
CA SER C 111 6.19 19.98 12.02
C SER C 111 6.68 21.16 11.18
N SER C 112 7.93 21.09 10.73
CA SER C 112 8.45 22.11 9.83
C SER C 112 8.20 21.58 8.41
N PHE C 113 7.90 22.50 7.49
CA PHE C 113 7.51 22.18 6.13
C PHE C 113 7.95 23.31 5.20
N TYR C 114 8.95 23.04 4.36
CA TYR C 114 9.43 23.99 3.36
C TYR C 114 10.29 23.23 2.34
N PRO C 115 10.57 23.86 1.19
CA PRO C 115 11.30 23.17 0.12
C PRO C 115 12.75 22.78 0.38
N THR C 116 13.14 21.66 -0.20
CA THR C 116 14.54 21.21 -0.21
C THR C 116 14.73 20.62 -1.60
N PRO C 117 14.76 21.50 -2.61
CA PRO C 117 14.84 21.08 -4.02
C PRO C 117 16.09 20.27 -4.31
N LEU C 118 15.97 19.20 -5.09
CA LEU C 118 17.14 18.43 -5.49
C LEU C 118 17.83 19.24 -6.58
N LEU C 119 17.05 19.76 -7.51
CA LEU C 119 17.53 20.61 -8.61
C LEU C 119 17.13 22.07 -8.33
N ARG C 120 18.10 22.91 -8.00
CA ARG C 120 17.88 24.34 -7.73
C ARG C 120 17.07 25.06 -8.81
N ARG C 133 24.77 24.96 1.63
CA ARG C 133 25.62 25.53 2.67
C ARG C 133 25.38 24.76 3.97
N GLU C 134 25.23 25.51 5.06
CA GLU C 134 24.88 24.94 6.35
C GLU C 134 23.35 25.10 6.43
N ALA C 135 22.78 25.60 5.34
CA ALA C 135 21.34 25.80 5.19
C ALA C 135 20.72 24.42 4.98
N MET C 136 21.48 23.53 4.37
CA MET C 136 21.07 22.15 4.17
C MET C 136 21.19 21.45 5.52
N GLU C 137 22.17 21.90 6.33
CA GLU C 137 22.37 21.33 7.66
C GLU C 137 21.21 21.65 8.61
N THR C 138 20.80 22.91 8.71
CA THR C 138 19.68 23.23 9.59
C THR C 138 18.37 22.69 9.04
N ALA C 139 18.22 22.66 7.72
CA ALA C 139 17.02 22.12 7.09
C ALA C 139 16.87 20.64 7.39
N THR C 140 17.96 19.91 7.24
CA THR C 140 17.95 18.48 7.51
C THR C 140 17.58 18.24 8.96
N ALA C 141 18.21 18.97 9.86
CA ALA C 141 17.97 18.75 11.28
C ALA C 141 16.57 19.21 11.74
N ASP C 142 16.10 20.30 11.16
CA ASP C 142 14.80 20.89 11.48
C ASP C 142 13.65 20.04 10.93
N LEU C 143 13.69 19.73 9.63
CA LEU C 143 12.64 18.93 9.00
C LEU C 143 12.60 17.50 9.54
N PHE C 144 13.75 16.87 9.68
CA PHE C 144 13.80 15.52 10.21
C PHE C 144 13.53 15.44 11.71
N GLY C 145 13.99 16.45 12.45
CA GLY C 145 13.79 16.49 13.90
C GLY C 145 12.33 16.61 14.28
N SER C 146 11.66 17.66 13.78
CA SER C 146 10.26 17.93 14.10
C SER C 146 9.33 16.82 13.64
N ASN C 147 9.47 16.39 12.39
CA ASN C 147 8.64 15.36 11.78
C ASN C 147 8.99 13.92 12.14
N ALA C 148 10.23 13.63 12.56
CA ALA C 148 10.58 12.24 12.83
C ALA C 148 11.39 11.91 14.07
N ILE C 149 12.55 12.54 14.23
CA ILE C 149 13.42 12.21 15.36
C ILE C 149 12.81 12.63 16.69
N ALA C 150 12.24 13.84 16.77
CA ALA C 150 11.61 14.25 18.04
C ALA C 150 10.46 13.30 18.41
N PRO C 151 9.55 13.01 17.49
CA PRO C 151 8.47 12.06 17.76
C PRO C 151 9.03 10.74 18.29
N TYR C 152 10.14 10.30 17.73
CA TYR C 152 10.75 9.05 18.17
C TYR C 152 11.12 9.13 19.65
N PHE C 153 11.85 10.18 20.03
CA PHE C 153 12.30 10.39 21.41
C PHE C 153 11.14 10.63 22.37
N LEU C 154 10.14 11.35 21.87
CA LEU C 154 8.95 11.64 22.66
C LEU C 154 8.23 10.33 22.98
N ILE C 155 8.07 9.48 21.98
CA ILE C 155 7.42 8.19 22.17
C ILE C 155 8.20 7.35 23.16
N LYS C 156 9.54 7.40 23.04
CA LYS C 156 10.42 6.66 23.94
C LYS C 156 10.25 7.16 25.37
N ALA C 157 10.31 8.47 25.59
CA ALA C 157 10.12 9.03 26.91
C ALA C 157 8.73 8.66 27.45
N PHE C 158 7.71 8.80 26.63
CA PHE C 158 6.34 8.48 27.01
C PHE C 158 6.22 7.03 27.46
N ALA C 159 6.78 6.10 26.68
CA ALA C 159 6.76 4.67 27.01
C ALA C 159 7.53 4.32 28.29
N HIS C 160 8.67 4.98 28.46
CA HIS C 160 9.51 4.79 29.63
C HIS C 160 8.70 5.13 30.89
N ARG C 161 7.95 6.23 30.85
CA ARG C 161 7.15 6.62 31.99
C ARG C 161 6.02 5.65 32.28
N VAL C 162 5.47 5.05 31.23
CA VAL C 162 4.41 4.07 31.42
C VAL C 162 5.01 2.79 32.02
N ALA C 163 6.14 2.36 31.48
CA ALA C 163 6.79 1.15 31.99
C ALA C 163 7.22 1.30 33.46
N GLY C 164 7.64 2.50 33.84
CA GLY C 164 8.08 2.77 35.20
C GLY C 164 6.93 2.92 36.19
N THR C 165 5.70 3.02 35.68
CA THR C 165 4.52 3.16 36.52
C THR C 165 4.03 1.73 36.84
N PRO C 166 3.85 1.45 38.13
CA PRO C 166 3.34 0.13 38.56
C PRO C 166 2.01 -0.15 37.88
N ALA C 167 1.85 -1.35 37.34
CA ALA C 167 0.65 -1.76 36.63
C ALA C 167 -0.67 -1.29 37.24
N LYS C 168 -0.81 -1.41 38.55
CA LYS C 168 -2.06 -1.01 39.20
C LYS C 168 -2.32 0.49 39.12
N HIS C 169 -1.28 1.29 38.91
CA HIS C 169 -1.42 2.74 38.86
C HIS C 169 -1.52 3.32 37.44
N ARG C 170 -1.32 2.47 36.44
CA ARG C 170 -1.34 2.88 35.02
C ARG C 170 -2.72 3.31 34.54
N GLY C 171 -2.75 4.14 33.51
CA GLY C 171 -4.01 4.58 32.95
C GLY C 171 -4.61 3.45 32.13
N THR C 172 -5.87 3.59 31.75
CA THR C 172 -6.51 2.52 30.99
C THR C 172 -6.65 2.87 29.51
N ASN C 173 -6.08 3.98 29.06
CA ASN C 173 -6.25 4.35 27.65
C ASN C 173 -5.10 5.19 27.09
N TYR C 174 -3.92 4.59 26.98
CA TYR C 174 -2.74 5.26 26.45
C TYR C 174 -2.81 5.32 24.93
N SER C 175 -2.65 6.53 24.39
CA SER C 175 -2.79 6.70 22.96
C SER C 175 -1.84 7.71 22.34
N ILE C 176 -1.06 7.28 21.35
CA ILE C 176 -0.14 8.19 20.67
C ILE C 176 -0.59 8.34 19.22
N ILE C 177 -0.71 9.60 18.78
CA ILE C 177 -1.13 9.93 17.43
C ILE C 177 -0.02 10.69 16.72
N ASN C 178 0.37 10.17 15.56
CA ASN C 178 1.40 10.83 14.73
C ASN C 178 0.71 11.53 13.58
N MET C 179 1.02 12.81 13.37
CA MET C 179 0.39 13.53 12.28
C MET C 179 1.17 13.29 11.01
N VAL C 180 0.65 12.39 10.18
CA VAL C 180 1.33 12.08 8.93
C VAL C 180 0.79 12.91 7.79
N ASP C 181 0.84 12.40 6.56
CA ASP C 181 0.43 13.21 5.41
C ASP C 181 -0.15 12.30 4.37
N ALA C 182 -1.45 12.46 4.08
CA ALA C 182 -2.12 11.62 3.11
C ALA C 182 -1.53 11.68 1.70
N MET C 183 -0.85 12.78 1.37
CA MET C 183 -0.32 12.99 0.03
C MET C 183 1.16 12.70 -0.24
N THR C 184 1.92 12.32 0.78
CA THR C 184 3.35 12.06 0.55
C THR C 184 3.70 10.97 -0.44
N ASN C 185 2.77 10.05 -0.71
CA ASN C 185 3.02 9.01 -1.72
C ASN C 185 2.90 9.57 -3.13
N GLN C 186 2.39 10.79 -3.24
CA GLN C 186 2.31 11.50 -4.51
C GLN C 186 3.05 12.80 -4.19
N PRO C 187 4.37 12.68 -4.07
CA PRO C 187 5.21 13.78 -3.57
C PRO C 187 5.00 15.15 -4.14
N LEU C 188 5.12 16.11 -3.25
CA LEU C 188 5.04 17.51 -3.61
C LEU C 188 6.41 17.83 -4.18
N LEU C 189 6.45 18.28 -5.43
CA LEU C 189 7.70 18.61 -6.11
C LEU C 189 8.62 19.53 -5.29
N GLY C 190 9.85 19.10 -5.05
CA GLY C 190 10.81 19.90 -4.31
C GLY C 190 10.80 19.81 -2.80
N TYR C 191 10.02 18.90 -2.24
CA TYR C 191 9.93 18.77 -0.79
C TYR C 191 10.53 17.47 -0.24
N THR C 192 11.55 16.96 -0.93
CA THR C 192 12.17 15.70 -0.57
C THR C 192 12.42 15.40 0.91
N ILE C 193 13.17 16.25 1.62
CA ILE C 193 13.43 15.97 3.04
C ILE C 193 12.16 15.85 3.89
N TYR C 194 11.23 16.77 3.70
CA TYR C 194 9.94 16.70 4.40
C TYR C 194 9.23 15.38 4.09
N THR C 195 9.14 15.03 2.81
CA THR C 195 8.48 13.79 2.40
C THR C 195 9.22 12.60 3.02
N MET C 196 10.54 12.64 3.05
CA MET C 196 11.30 11.55 3.65
C MET C 196 10.95 11.42 5.12
N ALA C 197 10.88 12.57 5.81
CA ALA C 197 10.59 12.56 7.24
C ALA C 197 9.19 12.01 7.55
N LYS C 198 8.19 12.37 6.75
CA LYS C 198 6.85 11.81 6.99
C LYS C 198 6.90 10.28 6.78
N GLY C 199 7.72 9.84 5.83
CA GLY C 199 7.90 8.43 5.54
C GLY C 199 8.42 7.76 6.79
N ALA C 200 9.40 8.41 7.43
CA ALA C 200 9.98 7.86 8.66
C ALA C 200 8.94 7.85 9.79
N LEU C 201 8.12 8.90 9.83
CA LEU C 201 7.05 8.98 10.81
C LEU C 201 6.07 7.80 10.68
N GLU C 202 5.80 7.38 9.44
CA GLU C 202 4.89 6.23 9.22
C GLU C 202 5.51 4.96 9.76
N GLY C 203 6.82 4.82 9.55
CA GLY C 203 7.58 3.68 10.03
C GLY C 203 7.56 3.69 11.54
N LEU C 204 7.71 4.87 12.14
CA LEU C 204 7.71 4.98 13.59
C LEU C 204 6.38 4.49 14.15
N THR C 205 5.30 4.88 13.46
CA THR C 205 3.95 4.51 13.85
C THR C 205 3.78 2.99 13.90
N ARG C 206 4.30 2.29 12.88
CA ARG C 206 4.14 0.85 12.83
C ARG C 206 5.07 0.16 13.82
N SER C 207 6.31 0.64 13.89
CA SER C 207 7.28 0.03 14.79
C SER C 207 6.90 0.25 16.27
N ALA C 208 6.49 1.47 16.62
CA ALA C 208 6.07 1.72 18.01
C ALA C 208 4.78 0.98 18.32
N ALA C 209 3.85 0.92 17.37
CA ALA C 209 2.62 0.20 17.64
C ALA C 209 2.92 -1.24 18.04
N LEU C 210 3.79 -1.88 17.27
CA LEU C 210 4.16 -3.27 17.58
C LEU C 210 4.90 -3.39 18.91
N GLU C 211 5.95 -2.60 19.11
CA GLU C 211 6.76 -2.68 20.33
C GLU C 211 6.05 -2.30 21.63
N LEU C 212 5.14 -1.34 21.57
CA LEU C 212 4.41 -0.88 22.76
C LEU C 212 3.09 -1.58 23.06
N ALA C 213 2.64 -2.46 22.17
CA ALA C 213 1.39 -3.21 22.35
C ALA C 213 1.29 -3.91 23.71
N PRO C 214 2.37 -4.53 24.17
CA PRO C 214 2.36 -5.17 25.50
C PRO C 214 2.02 -4.19 26.64
N LEU C 215 2.31 -2.90 26.50
CA LEU C 215 1.96 -1.91 27.52
C LEU C 215 0.59 -1.30 27.24
N GLN C 216 -0.09 -1.84 26.24
CA GLN C 216 -1.41 -1.32 25.85
C GLN C 216 -1.33 0.15 25.40
N ILE C 217 -0.21 0.52 24.79
CA ILE C 217 -0.06 1.87 24.26
C ILE C 217 -0.33 1.76 22.77
N ARG C 218 -1.39 2.42 22.32
CA ARG C 218 -1.77 2.42 20.93
C ARG C 218 -1.04 3.53 20.18
N VAL C 219 -0.57 3.22 18.98
CA VAL C 219 0.14 4.23 18.20
C VAL C 219 -0.44 4.25 16.81
N ASN C 220 -1.10 5.36 16.47
CA ASN C 220 -1.74 5.52 15.17
C ASN C 220 -1.39 6.83 14.48
N GLY C 221 -1.69 6.89 13.18
CA GLY C 221 -1.45 8.08 12.40
C GLY C 221 -2.70 8.69 11.80
N VAL C 222 -2.66 10.00 11.67
CA VAL C 222 -3.74 10.74 11.02
C VAL C 222 -3.02 11.59 9.96
N GLY C 223 -3.49 11.49 8.72
CA GLY C 223 -2.85 12.18 7.63
C GLY C 223 -3.77 13.07 6.81
N PRO C 224 -3.68 14.37 7.06
CA PRO C 224 -4.45 15.35 6.30
C PRO C 224 -3.98 15.41 4.85
N GLY C 225 -4.85 15.90 3.97
CA GLY C 225 -4.50 16.11 2.58
C GLY C 225 -4.20 17.60 2.54
N LEU C 226 -5.24 18.40 2.34
CA LEU C 226 -5.15 19.85 2.37
C LEU C 226 -6.07 20.34 3.50
N SER C 227 -5.49 21.03 4.47
CA SER C 227 -6.22 21.56 5.63
C SER C 227 -5.84 23.00 5.98
N VAL C 228 -6.85 23.80 6.31
CA VAL C 228 -6.72 25.22 6.69
C VAL C 228 -5.64 26.00 5.94
N LEU C 229 -5.71 25.97 4.61
CA LEU C 229 -4.75 26.64 3.75
C LEU C 229 -4.60 28.11 4.11
N VAL C 230 -3.32 28.49 4.24
CA VAL C 230 -2.86 29.84 4.56
C VAL C 230 -3.12 30.78 3.40
N GLY C 240 -7.75 27.19 -6.54
CA GLY C 240 -6.43 26.71 -6.92
C GLY C 240 -6.26 25.27 -6.48
N HIS C 241 -5.61 25.07 -5.32
CA HIS C 241 -5.44 23.74 -4.73
C HIS C 241 -6.81 23.16 -4.36
N ARG C 242 -7.57 23.97 -3.61
CA ARG C 242 -8.92 23.66 -3.13
C ARG C 242 -9.76 22.93 -4.17
N SER C 243 -9.92 23.54 -5.33
CA SER C 243 -10.72 23.02 -6.43
C SER C 243 -10.37 21.61 -6.90
N LYS C 244 -9.19 21.13 -6.52
CA LYS C 244 -8.78 19.79 -6.92
C LYS C 244 -9.26 18.66 -5.97
N VAL C 245 -9.79 19.03 -4.81
CA VAL C 245 -10.24 18.04 -3.84
C VAL C 245 -11.61 17.51 -4.23
N PRO C 246 -11.71 16.21 -4.47
CA PRO C 246 -12.97 15.60 -4.92
C PRO C 246 -14.12 15.92 -3.99
N LEU C 247 -13.92 15.74 -2.69
CA LEU C 247 -14.98 15.99 -1.74
C LEU C 247 -15.01 17.46 -1.34
N TYR C 248 -16.11 18.11 -1.71
CA TYR C 248 -16.39 19.52 -1.42
C TYR C 248 -15.58 20.53 -2.22
N GLN C 249 -14.57 20.09 -2.97
CA GLN C 249 -13.73 21.00 -3.73
C GLN C 249 -13.17 22.10 -2.81
N ARG C 250 -12.70 21.69 -1.64
CA ARG C 250 -12.07 22.62 -0.71
C ARG C 250 -11.14 21.89 0.24
N ASP C 251 -10.23 22.63 0.87
CA ASP C 251 -9.37 22.09 1.90
C ASP C 251 -10.27 21.92 3.12
N SER C 252 -9.80 21.13 4.08
CA SER C 252 -10.61 20.91 5.26
C SER C 252 -10.45 21.98 6.33
N SER C 253 -11.39 21.98 7.28
CA SER C 253 -11.33 22.85 8.44
C SER C 253 -10.48 22.09 9.45
N ALA C 254 -10.04 22.78 10.51
CA ALA C 254 -9.20 22.15 11.55
C ALA C 254 -9.96 21.06 12.29
N ALA C 255 -11.23 21.32 12.59
CA ALA C 255 -12.06 20.34 13.30
C ALA C 255 -12.21 19.04 12.51
N GLU C 256 -12.33 19.17 11.19
CA GLU C 256 -12.50 18.01 10.33
C GLU C 256 -11.33 17.04 10.47
N VAL C 257 -10.18 17.55 10.89
CA VAL C 257 -9.02 16.69 11.12
C VAL C 257 -8.94 16.33 12.60
N SER C 258 -9.08 17.34 13.47
CA SER C 258 -8.97 17.11 14.91
C SER C 258 -9.99 16.14 15.46
N ASP C 259 -11.21 16.11 14.92
CA ASP C 259 -12.22 15.17 15.43
C ASP C 259 -11.79 13.72 15.20
N VAL C 260 -10.99 13.48 14.18
CA VAL C 260 -10.53 12.14 13.88
C VAL C 260 -9.45 11.75 14.89
N VAL C 261 -8.61 12.72 15.22
CA VAL C 261 -7.55 12.54 16.20
C VAL C 261 -8.20 12.21 17.55
N ILE C 262 -9.20 13.00 17.94
CA ILE C 262 -9.89 12.79 19.20
C ILE C 262 -10.54 11.41 19.21
N PHE C 263 -11.14 11.01 18.09
CA PHE C 263 -11.78 9.71 18.05
C PHE C 263 -10.76 8.60 18.27
N LEU C 264 -9.62 8.66 17.59
CA LEU C 264 -8.59 7.62 17.77
C LEU C 264 -8.07 7.50 19.19
N CYS C 265 -8.12 8.59 19.95
CA CYS C 265 -7.70 8.63 21.35
C CYS C 265 -8.78 8.11 22.30
N SER C 266 -10.03 8.11 21.86
CA SER C 266 -11.15 7.63 22.68
C SER C 266 -11.15 6.11 22.90
N SER C 267 -11.78 5.67 23.98
CA SER C 267 -11.86 4.24 24.30
C SER C 267 -12.62 3.44 23.23
N LYS C 268 -13.39 4.11 22.39
CA LYS C 268 -14.09 3.43 21.32
C LYS C 268 -13.13 2.94 20.23
N ALA C 269 -11.93 3.49 20.19
CA ALA C 269 -10.92 3.08 19.21
C ALA C 269 -9.82 2.21 19.85
N LYS C 270 -10.12 1.54 20.96
CA LYS C 270 -9.12 0.75 21.68
C LYS C 270 -8.52 -0.46 20.97
N TYR C 271 -9.11 -0.89 19.86
CA TYR C 271 -8.56 -2.03 19.13
C TYR C 271 -7.77 -1.57 17.90
N ILE C 272 -7.75 -0.26 17.66
CA ILE C 272 -7.00 0.30 16.55
C ILE C 272 -5.57 0.65 16.94
N THR C 273 -4.60 0.12 16.21
CA THR C 273 -3.21 0.43 16.47
C THR C 273 -2.37 0.16 15.25
N GLY C 274 -1.34 0.98 15.05
CA GLY C 274 -0.47 0.80 13.92
C GLY C 274 -1.05 1.22 12.59
N THR C 275 -2.18 1.93 12.60
CA THR C 275 -2.81 2.31 11.34
C THR C 275 -2.81 3.83 11.14
N CYS C 276 -2.75 4.24 9.88
CA CYS C 276 -2.78 5.65 9.52
C CYS C 276 -4.09 5.91 8.80
N VAL C 277 -4.84 6.89 9.27
CA VAL C 277 -6.12 7.22 8.67
C VAL C 277 -6.00 8.50 7.84
N LYS C 278 -6.32 8.42 6.54
CA LYS C 278 -6.33 9.62 5.71
C LYS C 278 -7.59 10.45 5.97
N VAL C 279 -7.42 11.76 6.05
CA VAL C 279 -8.50 12.72 6.21
C VAL C 279 -8.20 13.74 5.12
N ASP C 280 -8.49 13.35 3.88
CA ASP C 280 -8.13 14.16 2.71
C ASP C 280 -9.21 14.37 1.67
N GLY C 281 -10.46 14.04 1.97
CA GLY C 281 -11.51 14.25 1.00
C GLY C 281 -11.32 13.60 -0.36
N GLY C 282 -10.62 12.47 -0.40
CA GLY C 282 -10.40 11.79 -1.67
C GLY C 282 -9.28 12.36 -2.52
N TYR C 283 -8.51 13.32 -1.98
CA TYR C 283 -7.41 13.90 -2.75
C TYR C 283 -6.35 12.89 -3.22
N SER C 284 -6.02 11.91 -2.39
CA SER C 284 -5.02 10.93 -2.76
C SER C 284 -5.54 9.96 -3.83
N LEU C 285 -6.81 10.08 -4.21
CA LEU C 285 -7.38 9.22 -5.25
C LEU C 285 -7.21 9.87 -6.61
N THR C 286 -6.67 11.08 -6.63
CA THR C 286 -6.52 11.80 -7.89
C THR C 286 -5.20 11.52 -8.56
N ARG C 287 -5.17 11.84 -9.84
CA ARG C 287 -3.99 11.70 -10.68
C ARG C 287 -3.86 12.99 -11.48
N ALA C 288 -2.66 13.27 -11.99
CA ALA C 288 -2.51 14.48 -12.81
C ALA C 288 -3.25 14.35 -14.14
N THR D 5 30.80 3.16 -25.66
CA THR D 5 30.66 3.96 -24.41
C THR D 5 30.61 3.05 -23.18
N VAL D 6 31.48 3.31 -22.21
CA VAL D 6 31.55 2.49 -20.99
C VAL D 6 30.98 3.28 -19.79
N PRO D 7 29.83 2.82 -19.33
CA PRO D 7 29.13 3.49 -18.22
C PRO D 7 29.77 3.19 -16.87
N VAL D 8 29.53 4.10 -15.93
CA VAL D 8 30.08 4.03 -14.58
C VAL D 8 29.01 3.86 -13.53
N ALA D 9 29.25 2.94 -12.60
CA ALA D 9 28.31 2.72 -11.51
C ALA D 9 28.97 2.98 -10.16
N LEU D 10 28.30 3.76 -9.28
CA LEU D 10 28.78 3.98 -7.93
C LEU D 10 27.96 3.04 -7.01
N VAL D 11 28.64 2.16 -6.27
CA VAL D 11 27.94 1.24 -5.38
C VAL D 11 28.48 1.42 -3.97
N THR D 12 27.64 1.87 -3.05
CA THR D 12 28.09 2.09 -1.67
C THR D 12 28.01 0.77 -0.92
N GLY D 13 28.90 0.57 0.04
CA GLY D 13 28.96 -0.67 0.80
C GLY D 13 29.17 -1.84 -0.14
N ALA D 14 30.09 -1.67 -1.09
CA ALA D 14 30.36 -2.69 -2.11
C ALA D 14 31.33 -3.83 -1.76
N ALA D 15 31.96 -3.75 -0.59
CA ALA D 15 32.96 -4.72 -0.19
C ALA D 15 32.51 -6.18 -0.09
N LYS D 16 31.34 -6.41 0.47
CA LYS D 16 30.86 -7.77 0.64
C LYS D 16 29.36 -7.95 0.46
N ARG D 17 28.92 -9.19 0.60
CA ARG D 17 27.51 -9.56 0.55
C ARG D 17 26.72 -9.03 -0.68
N LEU D 18 25.59 -8.36 -0.45
CA LEU D 18 24.78 -7.85 -1.57
C LEU D 18 25.50 -6.81 -2.42
N GLY D 19 26.14 -5.84 -1.78
CA GLY D 19 26.88 -4.80 -2.46
C GLY D 19 27.92 -5.35 -3.42
N ARG D 20 28.71 -6.32 -2.95
CA ARG D 20 29.70 -6.97 -3.82
C ARG D 20 29.04 -7.66 -5.02
N SER D 21 27.91 -8.33 -4.77
CA SER D 21 27.18 -9.02 -5.83
C SER D 21 26.65 -7.99 -6.82
N ILE D 22 26.21 -6.84 -6.29
CA ILE D 22 25.70 -5.77 -7.14
C ILE D 22 26.88 -5.24 -7.99
N ALA D 23 27.99 -4.96 -7.34
CA ALA D 23 29.18 -4.48 -8.03
C ALA D 23 29.65 -5.47 -9.11
N GLU D 24 29.68 -6.76 -8.77
CA GLU D 24 30.11 -7.80 -9.70
C GLU D 24 29.18 -7.89 -10.90
N GLY D 25 27.88 -7.94 -10.65
CA GLY D 25 26.88 -8.02 -11.69
C GLY D 25 26.96 -6.85 -12.63
N LEU D 26 27.06 -5.64 -12.09
CA LEU D 26 27.16 -4.45 -12.92
C LEU D 26 28.43 -4.54 -13.78
N HIS D 27 29.52 -5.00 -13.16
CA HIS D 27 30.81 -5.17 -13.83
C HIS D 27 30.69 -6.15 -14.99
N ALA D 28 30.03 -7.27 -14.75
CA ALA D 28 29.84 -8.28 -15.80
C ALA D 28 29.01 -7.73 -16.97
N GLU D 29 28.18 -6.71 -16.73
CA GLU D 29 27.38 -6.14 -17.79
C GLU D 29 28.18 -5.10 -18.57
N GLY D 30 29.39 -4.81 -18.10
CA GLY D 30 30.26 -3.84 -18.76
C GLY D 30 30.49 -2.54 -18.04
N TYR D 31 29.94 -2.38 -16.85
CA TYR D 31 30.11 -1.14 -16.11
C TYR D 31 31.49 -1.05 -15.46
N ALA D 32 31.99 0.18 -15.35
CA ALA D 32 33.21 0.44 -14.59
C ALA D 32 32.59 0.72 -13.22
N VAL D 33 33.17 0.21 -12.14
CA VAL D 33 32.53 0.35 -10.84
C VAL D 33 33.36 1.04 -9.77
N CYS D 34 32.76 2.02 -9.11
CA CYS D 34 33.40 2.70 -8.00
C CYS D 34 32.89 2.00 -6.74
N LEU D 35 33.75 1.23 -6.09
CA LEU D 35 33.36 0.45 -4.92
C LEU D 35 33.58 1.22 -3.64
N HIS D 36 32.48 1.71 -3.05
CA HIS D 36 32.57 2.43 -1.80
C HIS D 36 32.66 1.45 -0.62
N TYR D 37 33.35 1.88 0.44
CA TYR D 37 33.45 1.07 1.65
C TYR D 37 33.69 1.99 2.84
N HIS D 38 33.50 1.42 4.02
CA HIS D 38 33.69 2.19 5.23
C HIS D 38 34.81 1.55 6.05
N ARG D 39 34.62 0.31 6.48
CA ARG D 39 35.62 -0.34 7.31
C ARG D 39 36.24 -1.55 6.62
N SER D 40 35.62 -2.01 5.55
CA SER D 40 36.14 -3.19 4.85
C SER D 40 37.14 -2.88 3.73
N ALA D 41 38.20 -2.17 4.09
CA ALA D 41 39.24 -1.81 3.11
C ALA D 41 39.84 -3.02 2.38
N ALA D 42 40.24 -4.03 3.16
CA ALA D 42 40.84 -5.23 2.59
C ALA D 42 39.91 -5.84 1.56
N GLU D 43 38.67 -6.06 1.95
CA GLU D 43 37.71 -6.68 1.04
C GLU D 43 37.48 -5.84 -0.22
N ALA D 44 37.28 -4.54 -0.01
CA ALA D 44 37.07 -3.62 -1.11
C ALA D 44 38.24 -3.69 -2.09
N ASN D 45 39.45 -3.55 -1.57
CA ASN D 45 40.66 -3.60 -2.40
C ASN D 45 40.85 -4.94 -3.12
N ALA D 46 40.51 -6.05 -2.48
CA ALA D 46 40.64 -7.35 -3.14
C ALA D 46 39.63 -7.42 -4.29
N LEU D 47 38.40 -6.97 -4.05
CA LEU D 47 37.39 -6.99 -5.11
C LEU D 47 37.87 -6.11 -6.30
N SER D 48 38.41 -4.95 -6.00
CA SER D 48 38.91 -4.05 -7.03
C SER D 48 40.02 -4.71 -7.86
N ALA D 49 40.93 -5.43 -7.19
CA ALA D 49 42.02 -6.11 -7.88
C ALA D 49 41.44 -7.14 -8.84
N THR D 50 40.47 -7.92 -8.37
CA THR D 50 39.83 -8.93 -9.22
C THR D 50 39.20 -8.30 -10.46
N LEU D 51 38.41 -7.25 -10.28
CA LEU D 51 37.73 -6.62 -11.41
C LEU D 51 38.72 -5.97 -12.38
N ASN D 52 39.72 -5.29 -11.84
CA ASN D 52 40.75 -4.65 -12.67
C ASN D 52 41.61 -5.67 -13.40
N ALA D 53 41.82 -6.84 -12.80
CA ALA D 53 42.59 -7.88 -13.48
C ALA D 53 41.77 -8.40 -14.66
N ARG D 54 40.44 -8.40 -14.51
CA ARG D 54 39.58 -8.87 -15.57
C ARG D 54 39.59 -7.88 -16.72
N ARG D 55 39.47 -6.61 -16.35
CA ARG D 55 39.38 -5.51 -17.30
C ARG D 55 40.05 -4.31 -16.66
N PRO D 56 41.19 -3.90 -17.21
CA PRO D 56 41.98 -2.79 -16.67
C PRO D 56 41.18 -1.51 -16.53
N ASN D 57 41.44 -0.78 -15.46
CA ASN D 57 40.77 0.48 -15.17
C ASN D 57 39.25 0.39 -15.14
N SER D 58 38.72 -0.68 -14.56
CA SER D 58 37.28 -0.88 -14.51
C SER D 58 36.74 -0.84 -13.08
N ALA D 59 37.62 -0.55 -12.12
CA ALA D 59 37.23 -0.50 -10.71
C ALA D 59 38.15 0.37 -9.88
N ILE D 60 37.55 1.06 -8.91
CA ILE D 60 38.29 1.88 -7.95
C ILE D 60 37.58 1.77 -6.60
N THR D 61 38.27 2.11 -5.51
CA THR D 61 37.66 2.03 -4.20
C THR D 61 37.72 3.40 -3.56
N VAL D 62 36.69 3.75 -2.81
CA VAL D 62 36.65 5.05 -2.13
C VAL D 62 36.08 4.82 -0.73
N GLN D 63 36.76 5.34 0.28
CA GLN D 63 36.34 5.17 1.67
C GLN D 63 35.50 6.33 2.14
N ALA D 64 34.47 6.05 2.92
CA ALA D 64 33.65 7.09 3.52
C ALA D 64 32.69 6.57 4.58
N ASP D 65 32.61 7.30 5.69
CA ASP D 65 31.65 7.01 6.76
C ASP D 65 30.40 7.77 6.31
N LEU D 66 29.32 7.04 6.08
CA LEU D 66 28.07 7.62 5.59
C LEU D 66 27.10 7.98 6.72
N SER D 67 27.58 7.88 7.96
CA SER D 67 26.82 8.25 9.13
C SER D 67 26.68 9.78 9.11
N ASN D 68 25.55 10.28 9.58
CA ASN D 68 25.27 11.72 9.63
C ASN D 68 26.08 12.47 10.68
N VAL D 69 27.40 12.49 10.53
CA VAL D 69 28.30 13.18 11.45
C VAL D 69 29.45 13.89 10.73
N ALA D 70 30.06 14.81 11.46
CA ALA D 70 31.24 15.55 11.01
C ALA D 70 32.50 14.72 11.27
N THR D 71 33.35 14.59 10.25
CA THR D 71 34.62 13.87 10.43
C THR D 71 35.80 14.85 10.39
N ALA D 72 37.01 14.30 10.55
CA ALA D 72 38.25 15.07 10.52
C ALA D 72 38.90 14.96 9.14
N PRO D 73 39.54 16.06 8.70
CA PRO D 73 40.21 16.11 7.39
C PRO D 73 41.25 15.00 7.17
N VAL D 74 41.32 14.47 5.95
CA VAL D 74 42.26 13.39 5.63
C VAL D 74 43.53 13.96 5.00
N ALA D 81 38.56 22.94 9.55
CA ALA D 81 37.10 22.80 9.55
C ALA D 81 36.71 21.33 9.37
N PRO D 82 35.70 20.90 10.10
CA PRO D 82 35.22 19.51 10.00
C PRO D 82 34.52 19.25 8.66
N VAL D 83 34.61 18.01 8.18
CA VAL D 83 33.96 17.64 6.93
C VAL D 83 32.56 17.10 7.20
N THR D 84 31.57 17.67 6.54
CA THR D 84 30.16 17.26 6.69
C THR D 84 29.82 16.07 5.80
N LEU D 85 28.76 15.35 6.15
CA LEU D 85 28.32 14.20 5.36
C LEU D 85 28.01 14.61 3.91
N PHE D 86 27.43 15.79 3.71
CA PHE D 86 27.13 16.24 2.35
C PHE D 86 28.42 16.23 1.53
N THR D 87 29.44 16.94 2.03
CA THR D 87 30.72 17.03 1.36
C THR D 87 31.27 15.64 1.05
N ARG D 88 31.30 14.77 2.05
CA ARG D 88 31.75 13.40 1.83
C ARG D 88 30.97 12.72 0.72
N CYS D 89 29.66 12.96 0.67
CA CYS D 89 28.82 12.37 -0.36
C CYS D 89 29.11 12.96 -1.75
N ALA D 90 29.29 14.27 -1.82
CA ALA D 90 29.61 14.93 -3.09
C ALA D 90 30.97 14.42 -3.57
N GLU D 91 31.89 14.18 -2.63
CA GLU D 91 33.22 13.69 -2.97
C GLU D 91 33.19 12.27 -3.57
N LEU D 92 32.19 11.49 -3.18
CA LEU D 92 32.06 10.13 -3.70
C LEU D 92 31.66 10.19 -5.17
N VAL D 93 30.68 11.05 -5.45
CA VAL D 93 30.21 11.18 -6.82
C VAL D 93 31.33 11.82 -7.64
N ALA D 94 32.02 12.79 -7.05
CA ALA D 94 33.10 13.49 -7.75
C ALA D 94 34.25 12.56 -8.10
N ALA D 95 34.50 11.57 -7.25
CA ALA D 95 35.57 10.61 -7.53
C ALA D 95 35.27 9.85 -8.83
N CYS D 96 33.99 9.65 -9.14
CA CYS D 96 33.65 8.96 -10.39
C CYS D 96 33.95 9.87 -11.58
N TYR D 97 33.59 11.14 -11.45
CA TYR D 97 33.81 12.10 -12.54
C TYR D 97 35.28 12.39 -12.78
N THR D 98 36.06 12.52 -11.70
CA THR D 98 37.48 12.77 -11.77
C THR D 98 38.20 11.60 -12.46
N HIS D 99 37.83 10.38 -12.10
CA HIS D 99 38.49 9.21 -12.66
C HIS D 99 38.05 8.77 -14.05
N TRP D 100 36.75 8.80 -14.29
CA TRP D 100 36.21 8.32 -15.55
C TRP D 100 35.39 9.37 -16.33
N GLY D 101 35.18 10.53 -15.73
CA GLY D 101 34.38 11.56 -16.39
C GLY D 101 32.88 11.32 -16.46
N ARG D 102 32.36 10.43 -15.63
CA ARG D 102 30.92 10.16 -15.67
C ARG D 102 30.45 9.32 -14.48
N CYS D 103 29.13 9.33 -14.26
CA CYS D 103 28.45 8.54 -13.24
C CYS D 103 27.02 8.30 -13.69
N ASP D 104 26.77 7.11 -14.23
CA ASP D 104 25.48 6.75 -14.80
C ASP D 104 24.51 6.09 -13.82
N VAL D 105 25.05 5.26 -12.94
CA VAL D 105 24.28 4.48 -11.98
C VAL D 105 24.76 4.68 -10.55
N LEU D 106 23.79 4.76 -9.65
CA LEU D 106 24.07 4.92 -8.23
C LEU D 106 23.24 3.88 -7.52
N VAL D 107 23.91 3.04 -6.73
CA VAL D 107 23.20 2.04 -5.95
C VAL D 107 23.42 2.31 -4.46
N ASN D 108 22.42 2.90 -3.80
CA ASN D 108 22.50 3.19 -2.38
C ASN D 108 22.26 1.89 -1.62
N ASN D 109 23.35 1.19 -1.34
CA ASN D 109 23.29 -0.12 -0.68
C ASN D 109 23.83 -0.10 0.75
N ALA D 110 24.83 0.72 1.01
CA ALA D 110 25.44 0.78 2.34
C ALA D 110 24.37 0.99 3.39
N SER D 111 24.46 0.25 4.49
CA SER D 111 23.42 0.34 5.51
C SER D 111 23.82 -0.27 6.86
N SER D 112 23.67 0.49 7.94
CA SER D 112 23.91 -0.08 9.28
C SER D 112 22.56 -0.66 9.73
N PHE D 113 22.63 -1.72 10.55
CA PHE D 113 21.43 -2.43 11.00
C PHE D 113 21.71 -3.06 12.36
N TYR D 114 21.04 -2.56 13.39
CA TYR D 114 21.15 -3.11 14.74
C TYR D 114 20.01 -2.56 15.61
N PRO D 115 19.76 -3.17 16.76
CA PRO D 115 18.63 -2.74 17.58
C PRO D 115 18.66 -1.36 18.22
N THR D 116 17.50 -0.74 18.35
CA THR D 116 17.34 0.51 19.10
C THR D 116 15.99 0.33 19.83
N PRO D 117 15.99 -0.53 20.84
CA PRO D 117 14.76 -0.89 21.56
C PRO D 117 14.10 0.33 22.20
N LEU D 118 12.78 0.42 22.15
CA LEU D 118 12.08 1.51 22.81
C LEU D 118 12.04 1.20 24.31
N LEU D 119 11.78 -0.06 24.67
CA LEU D 119 11.79 -0.52 26.07
C LEU D 119 12.95 -1.48 26.32
N ARG D 120 13.64 -1.33 27.44
CA ARG D 120 14.74 -2.23 27.77
C ARG D 120 14.31 -3.31 28.77
N ARG D 133 23.33 6.93 26.36
CA ARG D 133 23.02 8.34 26.09
C ARG D 133 23.76 8.85 24.84
N GLU D 134 25.08 8.63 24.82
CA GLU D 134 25.92 9.00 23.69
C GLU D 134 25.82 7.87 22.67
N ALA D 135 25.36 6.71 23.14
CA ALA D 135 25.18 5.53 22.31
C ALA D 135 23.90 5.63 21.48
N MET D 136 23.04 6.58 21.86
CA MET D 136 21.79 6.87 21.19
C MET D 136 22.02 7.86 20.04
N GLU D 137 22.89 8.83 20.28
CA GLU D 137 23.19 9.84 19.28
C GLU D 137 23.97 9.24 18.12
N THR D 138 24.94 8.38 18.38
CA THR D 138 25.68 7.77 17.27
C THR D 138 24.79 6.78 16.53
N ALA D 139 23.88 6.12 17.24
CA ALA D 139 22.96 5.17 16.62
C ALA D 139 22.02 5.91 15.68
N THR D 140 21.48 7.03 16.14
CA THR D 140 20.58 7.82 15.31
C THR D 140 21.29 8.29 14.05
N ALA D 141 22.48 8.87 14.22
CA ALA D 141 23.23 9.41 13.08
C ALA D 141 23.76 8.34 12.13
N ASP D 142 24.08 7.18 12.68
CA ASP D 142 24.63 6.06 11.90
C ASP D 142 23.52 5.36 11.10
N LEU D 143 22.45 4.96 11.81
CA LEU D 143 21.33 4.29 11.18
C LEU D 143 20.60 5.17 10.18
N PHE D 144 20.34 6.43 10.55
CA PHE D 144 19.67 7.34 9.63
C PHE D 144 20.55 7.82 8.51
N GLY D 145 21.85 8.01 8.78
CA GLY D 145 22.80 8.48 7.80
C GLY D 145 22.98 7.49 6.66
N SER D 146 23.40 6.27 7.01
CA SER D 146 23.64 5.26 5.99
C SER D 146 22.39 4.89 5.19
N ASN D 147 21.28 4.65 5.89
CA ASN D 147 20.04 4.26 5.25
C ASN D 147 19.18 5.34 4.60
N ALA D 148 19.38 6.61 4.96
CA ALA D 148 18.55 7.70 4.44
C ALA D 148 19.21 9.05 4.11
N ILE D 149 19.91 9.66 5.06
CA ILE D 149 20.51 10.98 4.78
C ILE D 149 21.60 10.91 3.73
N ALA D 150 22.51 9.96 3.86
CA ALA D 150 23.60 9.83 2.88
C ALA D 150 23.04 9.61 1.46
N PRO D 151 22.10 8.68 1.27
CA PRO D 151 21.48 8.46 -0.04
C PRO D 151 20.83 9.74 -0.58
N TYR D 152 20.25 10.54 0.31
CA TYR D 152 19.67 11.80 -0.15
C TYR D 152 20.77 12.67 -0.77
N PHE D 153 21.86 12.89 -0.02
CA PHE D 153 22.95 13.75 -0.48
C PHE D 153 23.64 13.17 -1.69
N LEU D 154 23.72 11.85 -1.74
CA LEU D 154 24.34 11.18 -2.85
C LEU D 154 23.52 11.42 -4.11
N ILE D 155 22.20 11.27 -3.98
CA ILE D 155 21.30 11.49 -5.12
C ILE D 155 21.39 12.96 -5.54
N LYS D 156 21.50 13.86 -4.57
CA LYS D 156 21.61 15.28 -4.89
C LYS D 156 22.88 15.56 -5.69
N ALA D 157 24.00 15.02 -5.22
CA ALA D 157 25.28 15.21 -5.90
C ALA D 157 25.22 14.63 -7.31
N PHE D 158 24.70 13.41 -7.42
CA PHE D 158 24.56 12.71 -8.69
C PHE D 158 23.73 13.55 -9.67
N ALA D 159 22.58 14.06 -9.22
CA ALA D 159 21.72 14.88 -10.08
C ALA D 159 22.36 16.20 -10.54
N HIS D 160 23.09 16.86 -9.65
CA HIS D 160 23.76 18.14 -9.91
C HIS D 160 24.77 17.93 -11.04
N ARG D 161 25.55 16.85 -10.94
CA ARG D 161 26.51 16.51 -11.98
C ARG D 161 25.80 16.31 -13.31
N VAL D 162 24.68 15.60 -13.32
CA VAL D 162 23.91 15.41 -14.55
C VAL D 162 23.38 16.75 -15.07
N ALA D 163 22.80 17.57 -14.20
CA ALA D 163 22.29 18.88 -14.62
C ALA D 163 23.37 19.76 -15.23
N GLY D 164 24.57 19.73 -14.67
CA GLY D 164 25.68 20.55 -15.14
C GLY D 164 26.31 20.04 -16.43
N THR D 165 25.97 18.81 -16.81
CA THR D 165 26.47 18.26 -18.05
C THR D 165 25.56 18.77 -19.17
N PRO D 166 26.15 19.35 -20.23
CA PRO D 166 25.40 19.78 -21.41
C PRO D 166 24.63 18.58 -21.99
N ALA D 167 23.35 18.79 -22.28
CA ALA D 167 22.46 17.76 -22.80
C ALA D 167 23.07 16.85 -23.87
N LYS D 168 23.82 17.45 -24.80
CA LYS D 168 24.44 16.67 -25.89
C LYS D 168 25.50 15.67 -25.37
N HIS D 169 26.05 15.93 -24.18
CA HIS D 169 27.05 15.04 -23.59
C HIS D 169 26.56 14.05 -22.52
N ARG D 170 25.29 14.17 -22.10
CA ARG D 170 24.72 13.31 -21.06
C ARG D 170 24.60 11.85 -21.49
N GLY D 171 24.56 10.95 -20.51
CA GLY D 171 24.39 9.53 -20.77
C GLY D 171 22.95 9.30 -21.16
N THR D 172 22.68 8.11 -21.69
CA THR D 172 21.35 7.78 -22.18
C THR D 172 20.60 6.84 -21.25
N ASN D 173 21.19 6.52 -20.10
CA ASN D 173 20.54 5.60 -19.16
C ASN D 173 20.92 5.82 -17.70
N TYR D 174 20.47 6.92 -17.09
CA TYR D 174 20.77 7.21 -15.69
C TYR D 174 19.83 6.42 -14.80
N SER D 175 20.39 5.74 -13.80
CA SER D 175 19.56 4.93 -12.93
C SER D 175 20.06 4.92 -11.50
N ILE D 176 19.16 5.20 -10.57
CA ILE D 176 19.51 5.14 -9.15
C ILE D 176 18.65 4.09 -8.47
N ILE D 177 19.29 3.14 -7.78
CA ILE D 177 18.60 2.09 -7.03
C ILE D 177 18.86 2.25 -5.54
N ASN D 178 17.77 2.31 -4.77
CA ASN D 178 17.86 2.40 -3.31
C ASN D 178 17.54 1.02 -2.75
N MET D 179 18.42 0.49 -1.92
CA MET D 179 18.16 -0.82 -1.34
C MET D 179 17.22 -0.62 -0.13
N VAL D 180 15.96 -1.01 -0.31
CA VAL D 180 14.99 -0.88 0.74
C VAL D 180 14.84 -2.21 1.49
N ASP D 181 13.66 -2.51 2.02
CA ASP D 181 13.50 -3.73 2.81
C ASP D 181 12.06 -4.16 2.67
N ALA D 182 11.86 -5.34 2.09
CA ALA D 182 10.52 -5.84 1.85
C ALA D 182 9.71 -6.02 3.14
N MET D 183 10.39 -6.23 4.26
CA MET D 183 9.72 -6.53 5.53
C MET D 183 9.49 -5.39 6.52
N THR D 184 9.93 -4.18 6.20
CA THR D 184 9.74 -3.08 7.15
C THR D 184 8.29 -2.73 7.51
N ASN D 185 7.33 -3.10 6.67
CA ASN D 185 5.92 -2.86 7.00
C ASN D 185 5.40 -3.83 8.06
N GLN D 186 6.19 -4.86 8.33
CA GLN D 186 5.92 -5.85 9.36
C GLN D 186 7.16 -5.78 10.25
N PRO D 187 7.28 -4.69 10.98
CA PRO D 187 8.52 -4.38 11.71
C PRO D 187 9.16 -5.47 12.54
N LEU D 188 10.49 -5.47 12.49
CA LEU D 188 11.29 -6.37 13.28
C LEU D 188 11.22 -5.73 14.66
N LEU D 189 10.81 -6.51 15.64
CA LEU D 189 10.73 -6.00 17.00
C LEU D 189 12.08 -5.43 17.51
N GLY D 190 12.06 -4.18 17.99
CA GLY D 190 13.22 -3.52 18.56
C GLY D 190 14.15 -2.79 17.62
N TYR D 191 13.75 -2.65 16.35
CA TYR D 191 14.60 -2.04 15.34
C TYR D 191 13.99 -0.74 14.82
N THR D 192 13.32 -0.01 15.71
CA THR D 192 12.63 1.23 15.30
C THR D 192 13.36 2.22 14.41
N ILE D 193 14.54 2.68 14.83
CA ILE D 193 15.28 3.66 14.01
C ILE D 193 15.59 3.12 12.62
N TYR D 194 16.05 1.87 12.54
CA TYR D 194 16.36 1.24 11.25
C TYR D 194 15.11 1.22 10.37
N THR D 195 13.99 0.81 10.96
CA THR D 195 12.74 0.74 10.22
C THR D 195 12.33 2.12 9.74
N MET D 196 12.47 3.13 10.60
CA MET D 196 12.12 4.50 10.21
C MET D 196 13.00 4.95 9.04
N ALA D 197 14.30 4.64 9.10
CA ALA D 197 15.23 5.04 8.04
C ALA D 197 14.85 4.43 6.68
N LYS D 198 14.50 3.15 6.66
CA LYS D 198 14.09 2.53 5.40
C LYS D 198 12.82 3.21 4.90
N GLY D 199 11.94 3.61 5.80
CA GLY D 199 10.71 4.30 5.43
C GLY D 199 11.07 5.60 4.75
N ALA D 200 12.06 6.30 5.31
CA ALA D 200 12.54 7.53 4.72
C ALA D 200 13.11 7.26 3.32
N LEU D 201 13.88 6.18 3.21
CA LEU D 201 14.46 5.79 1.93
C LEU D 201 13.39 5.54 0.87
N GLU D 202 12.23 4.99 1.28
CA GLU D 202 11.14 4.76 0.33
C GLU D 202 10.61 6.13 -0.15
N GLY D 203 10.48 7.07 0.78
CA GLY D 203 10.03 8.41 0.47
C GLY D 203 11.02 9.08 -0.48
N LEU D 204 12.32 8.89 -0.24
CA LEU D 204 13.33 9.48 -1.09
C LEU D 204 13.21 8.94 -2.51
N THR D 205 12.93 7.64 -2.61
CA THR D 205 12.76 6.99 -3.90
C THR D 205 11.64 7.65 -4.68
N ARG D 206 10.50 7.88 -4.01
CA ARG D 206 9.38 8.46 -4.73
C ARG D 206 9.63 9.91 -5.07
N SER D 207 10.12 10.67 -4.10
CA SER D 207 10.34 12.09 -4.30
C SER D 207 11.42 12.34 -5.38
N ALA D 208 12.54 11.64 -5.28
CA ALA D 208 13.58 11.81 -6.28
C ALA D 208 13.10 11.33 -7.67
N ALA D 209 12.35 10.24 -7.73
CA ALA D 209 11.87 9.80 -9.03
C ALA D 209 11.02 10.89 -9.67
N LEU D 210 10.15 11.53 -8.89
CA LEU D 210 9.33 12.61 -9.45
C LEU D 210 10.17 13.81 -9.87
N GLU D 211 10.98 14.33 -8.95
CA GLU D 211 11.79 15.52 -9.22
C GLU D 211 12.85 15.36 -10.32
N LEU D 212 13.42 14.17 -10.45
CA LEU D 212 14.48 13.92 -11.44
C LEU D 212 14.03 13.37 -12.80
N ALA D 213 12.73 13.11 -12.94
CA ALA D 213 12.17 12.63 -14.20
C ALA D 213 12.54 13.52 -15.39
N PRO D 214 12.46 14.85 -15.26
CA PRO D 214 12.85 15.74 -16.36
C PRO D 214 14.27 15.49 -16.88
N LEU D 215 15.18 15.06 -16.01
CA LEU D 215 16.56 14.76 -16.42
C LEU D 215 16.68 13.29 -16.85
N GLN D 216 15.55 12.60 -16.94
CA GLN D 216 15.56 11.19 -17.32
C GLN D 216 16.42 10.34 -16.38
N ILE D 217 16.45 10.74 -15.12
CA ILE D 217 17.15 9.95 -14.11
C ILE D 217 16.05 9.14 -13.44
N ARG D 218 16.10 7.82 -13.59
CA ARG D 218 15.13 6.95 -12.94
C ARG D 218 15.58 6.61 -11.52
N VAL D 219 14.62 6.52 -10.60
CA VAL D 219 14.92 6.20 -9.21
C VAL D 219 13.97 5.10 -8.74
N ASN D 220 14.55 3.93 -8.46
CA ASN D 220 13.76 2.79 -8.01
C ASN D 220 14.37 2.14 -6.77
N GLY D 221 13.60 1.23 -6.19
CA GLY D 221 14.02 0.53 -5.00
C GLY D 221 13.96 -0.97 -5.18
N VAL D 222 14.85 -1.64 -4.47
CA VAL D 222 14.88 -3.10 -4.44
C VAL D 222 14.90 -3.47 -2.97
N GLY D 223 13.90 -4.24 -2.55
CA GLY D 223 13.77 -4.62 -1.15
C GLY D 223 13.81 -6.11 -0.88
N PRO D 224 14.97 -6.57 -0.40
CA PRO D 224 15.14 -7.99 -0.05
C PRO D 224 14.27 -8.33 1.16
N GLY D 225 14.03 -9.62 1.38
CA GLY D 225 13.30 -10.09 2.56
C GLY D 225 14.39 -10.62 3.46
N LEU D 226 14.79 -11.86 3.22
CA LEU D 226 15.89 -12.47 3.94
C LEU D 226 16.91 -12.87 2.86
N SER D 227 18.08 -12.26 2.92
CA SER D 227 19.15 -12.56 1.96
C SER D 227 20.49 -12.86 2.62
N VAL D 228 21.14 -13.90 2.12
CA VAL D 228 22.46 -14.35 2.58
C VAL D 228 22.65 -14.27 4.08
N LEU D 229 21.76 -14.91 4.83
CA LEU D 229 21.87 -14.90 6.29
C LEU D 229 23.26 -15.42 6.71
N VAL D 230 23.93 -14.68 7.58
CA VAL D 230 25.25 -15.01 8.11
C VAL D 230 25.48 -16.51 8.39
N GLY D 240 15.75 -21.80 11.00
CA GLY D 240 15.34 -20.61 11.74
C GLY D 240 14.29 -19.80 11.01
N HIS D 241 14.62 -18.52 10.76
CA HIS D 241 13.73 -17.59 10.05
C HIS D 241 13.49 -18.13 8.64
N ARG D 242 14.54 -18.77 8.14
CA ARG D 242 14.65 -19.46 6.86
C ARG D 242 13.41 -20.27 6.45
N SER D 243 12.98 -21.16 7.32
CA SER D 243 11.83 -22.03 7.07
C SER D 243 10.50 -21.28 6.92
N LYS D 244 10.49 -20.02 7.33
CA LYS D 244 9.29 -19.18 7.27
C LYS D 244 9.06 -18.60 5.86
N VAL D 245 10.06 -18.64 4.99
CA VAL D 245 9.94 -18.11 3.64
C VAL D 245 9.09 -19.05 2.78
N PRO D 246 7.96 -18.59 2.25
CA PRO D 246 7.08 -19.47 1.47
C PRO D 246 7.78 -20.06 0.26
N LEU D 247 8.54 -19.25 -0.48
CA LEU D 247 9.23 -19.78 -1.65
C LEU D 247 10.60 -20.35 -1.26
N TYR D 248 10.77 -21.64 -1.50
CA TYR D 248 12.00 -22.39 -1.22
C TYR D 248 12.34 -22.61 0.23
N GLN D 249 11.62 -21.98 1.15
CA GLN D 249 11.92 -22.13 2.57
C GLN D 249 13.40 -21.86 2.86
N ARG D 250 13.93 -20.81 2.24
CA ARG D 250 15.29 -20.38 2.52
C ARG D 250 15.45 -18.89 2.21
N ASP D 251 16.53 -18.32 2.73
CA ASP D 251 16.87 -16.93 2.46
C ASP D 251 17.41 -16.95 1.05
N SER D 252 17.55 -15.78 0.43
CA SER D 252 18.04 -15.75 -0.93
C SER D 252 19.55 -15.68 -1.06
N SER D 253 20.03 -15.94 -2.27
CA SER D 253 21.45 -15.78 -2.57
C SER D 253 21.64 -14.31 -2.94
N ALA D 254 22.89 -13.86 -2.95
CA ALA D 254 23.18 -12.47 -3.31
C ALA D 254 22.75 -12.21 -4.76
N ALA D 255 23.02 -13.17 -5.63
CA ALA D 255 22.68 -13.02 -7.05
C ALA D 255 21.17 -12.85 -7.25
N GLU D 256 20.40 -13.60 -6.46
CA GLU D 256 18.96 -13.52 -6.53
C GLU D 256 18.46 -12.10 -6.29
N VAL D 257 19.23 -11.30 -5.55
CA VAL D 257 18.85 -9.90 -5.34
C VAL D 257 19.58 -9.03 -6.38
N SER D 258 20.89 -9.21 -6.52
CA SER D 258 21.65 -8.35 -7.45
C SER D 258 21.17 -8.40 -8.90
N ASP D 259 20.73 -9.56 -9.37
CA ASP D 259 20.19 -9.62 -10.73
C ASP D 259 19.00 -8.70 -10.93
N VAL D 260 18.24 -8.42 -9.87
CA VAL D 260 17.07 -7.58 -10.01
C VAL D 260 17.52 -6.13 -10.12
N VAL D 261 18.56 -5.82 -9.35
CA VAL D 261 19.14 -4.48 -9.36
C VAL D 261 19.68 -4.17 -10.75
N ILE D 262 20.43 -5.13 -11.30
CA ILE D 262 21.05 -4.99 -12.61
C ILE D 262 19.94 -4.80 -13.65
N PHE D 263 18.91 -5.63 -13.57
CA PHE D 263 17.81 -5.50 -14.52
C PHE D 263 17.20 -4.10 -14.46
N LEU D 264 16.96 -3.56 -13.27
CA LEU D 264 16.36 -2.23 -13.16
C LEU D 264 17.25 -1.15 -13.75
N CYS D 265 18.56 -1.40 -13.75
CA CYS D 265 19.54 -0.46 -14.29
C CYS D 265 19.63 -0.53 -15.80
N SER D 266 19.13 -1.62 -16.37
CA SER D 266 19.20 -1.87 -17.81
C SER D 266 18.20 -1.05 -18.65
N SER D 267 18.55 -0.84 -19.92
CA SER D 267 17.68 -0.05 -20.80
C SER D 267 16.31 -0.73 -21.00
N LYS D 268 16.22 -2.01 -20.65
CA LYS D 268 14.97 -2.74 -20.72
C LYS D 268 14.02 -2.31 -19.60
N ALA D 269 14.50 -1.53 -18.62
CA ALA D 269 13.66 -1.07 -17.52
C ALA D 269 13.47 0.45 -17.58
N LYS D 270 13.68 1.00 -18.76
CA LYS D 270 13.66 2.45 -18.96
C LYS D 270 12.35 3.21 -18.68
N TYR D 271 11.23 2.50 -18.61
CA TYR D 271 9.95 3.13 -18.27
C TYR D 271 9.56 2.99 -16.78
N ILE D 272 10.34 2.21 -16.04
CA ILE D 272 10.12 2.01 -14.62
C ILE D 272 10.76 3.13 -13.79
N THR D 273 9.98 3.77 -12.94
CA THR D 273 10.56 4.76 -12.04
C THR D 273 9.67 5.01 -10.82
N GLY D 274 10.28 5.29 -9.67
CA GLY D 274 9.55 5.53 -8.44
C GLY D 274 8.89 4.30 -7.85
N THR D 275 9.35 3.11 -8.24
CA THR D 275 8.76 1.89 -7.73
C THR D 275 9.75 1.05 -6.93
N CYS D 276 9.24 0.36 -5.92
CA CYS D 276 10.04 -0.53 -5.09
C CYS D 276 9.65 -1.96 -5.38
N VAL D 277 10.63 -2.78 -5.74
CA VAL D 277 10.40 -4.18 -6.07
C VAL D 277 10.84 -5.09 -4.93
N LYS D 278 9.92 -5.90 -4.42
CA LYS D 278 10.24 -6.87 -3.37
C LYS D 278 10.88 -8.11 -4.00
N VAL D 279 11.95 -8.59 -3.37
CA VAL D 279 12.69 -9.79 -3.77
C VAL D 279 12.77 -10.59 -2.48
N ASP D 280 11.63 -11.13 -2.07
CA ASP D 280 11.53 -11.76 -0.76
C ASP D 280 10.87 -13.13 -0.70
N GLY D 281 10.70 -13.78 -1.84
CA GLY D 281 10.09 -15.10 -1.84
C GLY D 281 8.74 -15.21 -1.15
N GLY D 282 7.97 -14.13 -1.17
CA GLY D 282 6.66 -14.12 -0.57
C GLY D 282 6.63 -13.94 0.93
N TYR D 283 7.80 -13.68 1.53
CA TYR D 283 7.87 -13.51 3.00
C TYR D 283 6.92 -12.44 3.53
N SER D 284 6.76 -11.33 2.81
CA SER D 284 5.85 -10.28 3.27
C SER D 284 4.37 -10.65 3.19
N LEU D 285 4.05 -11.80 2.62
CA LEU D 285 2.68 -12.25 2.53
C LEU D 285 2.33 -13.08 3.77
N THR D 286 3.32 -13.33 4.62
CA THR D 286 3.07 -14.13 5.81
C THR D 286 2.49 -13.27 6.92
N ARG D 287 1.93 -13.95 7.93
CA ARG D 287 1.38 -13.33 9.13
C ARG D 287 1.79 -14.23 10.28
N ALA D 288 1.78 -13.72 11.51
CA ALA D 288 2.16 -14.57 12.66
C ALA D 288 1.14 -15.68 12.92
PA NAP E . -20.32 -13.18 9.30
O1A NAP E . -19.36 -14.18 8.79
O2A NAP E . -20.83 -13.56 10.68
O5B NAP E . -21.52 -13.02 8.26
C5B NAP E . -22.30 -11.86 8.20
C4B NAP E . -23.55 -12.14 7.36
O4B NAP E . -23.36 -12.13 5.95
C3B NAP E . -24.13 -13.53 7.61
O3B NAP E . -24.77 -13.59 8.85
C2B NAP E . -25.07 -13.72 6.42
O2B NAP E . -26.42 -13.45 6.72
C1B NAP E . -24.53 -12.69 5.42
N9A NAP E . -24.27 -13.35 4.14
C8A NAP E . -23.35 -14.30 3.82
N7A NAP E . -23.48 -14.65 2.51
C5A NAP E . -24.53 -13.96 2.02
C6A NAP E . -25.13 -13.92 0.77
N6A NAP E . -24.89 -14.84 -0.16
N1A NAP E . -26.21 -13.09 0.59
C2A NAP E . -26.70 -12.31 1.61
N3A NAP E . -26.09 -12.35 2.84
C4A NAP E . -25.03 -13.15 3.03
O3 NAP E . -19.56 -11.77 9.28
PN NAP E . -18.75 -11.12 10.53
O1N NAP E . -17.73 -12.06 11.01
O2N NAP E . -19.72 -10.49 11.44
O5D NAP E . -17.99 -9.96 9.71
C5D NAP E . -18.68 -8.86 9.18
C4D NAP E . -17.84 -8.25 8.07
O4D NAP E . -16.53 -8.02 8.54
C3D NAP E . -17.74 -9.18 6.87
O3D NAP E . -17.73 -8.39 5.70
C2D NAP E . -16.37 -9.80 7.06
O2D NAP E . -15.79 -10.18 5.84
C1D NAP E . -15.59 -8.66 7.69
N1N NAP E . -14.51 -9.27 8.46
C2N NAP E . -14.78 -10.05 9.56
C3N NAP E . -13.74 -10.63 10.27
C7N NAP E . -13.93 -11.35 11.57
O7N NAP E . -12.76 -11.73 12.25
N7N NAP E . -15.13 -11.61 12.09
C4N NAP E . -12.44 -10.39 9.84
C5N NAP E . -12.18 -9.61 8.72
C6N NAP E . -13.24 -9.04 8.03
P2B NAP E . -27.51 -14.57 7.12
O1X NAP E . -28.83 -13.94 7.35
O2X NAP E . -27.68 -15.64 6.05
O3X NAP E . -26.99 -15.24 8.39
N1 H4B F . -15.48 -12.98 6.83
C2 H4B F . -16.72 -13.37 7.20
N2 H4B F . -17.77 -13.13 6.43
N3 H4B F . -16.88 -13.99 8.38
C4 H4B F . -15.83 -14.28 9.27
O4 H4B F . -16.11 -14.85 10.33
C4A H4B F . -14.54 -13.84 8.82
C8A H4B F . -14.37 -13.21 7.61
N5 H4B F . -13.41 -14.13 9.70
N8 H4B F . -13.18 -12.88 7.12
C6 H4B F . -12.11 -13.46 9.29
C7 H4B F . -11.97 -13.34 7.78
C9 H4B F . -10.91 -14.05 10.07
O9 H4B F . -11.11 -13.98 11.48
C10 H4B F . -10.39 -15.45 9.69
C11 H4B F . -11.13 -16.61 10.23
O10 H4B F . -9.06 -15.49 10.19
PA NAP G . -6.22 -4.47 -24.74
O1A NAP G . -7.18 -3.49 -24.23
O2A NAP G . -5.66 -4.05 -26.11
O5B NAP G . -6.93 -5.91 -24.80
C5B NAP G . -6.16 -7.07 -24.69
C4B NAP G . -6.94 -8.26 -25.23
O4B NAP G . -7.76 -8.81 -24.24
C3B NAP G . -7.87 -7.96 -26.40
O3B NAP G . -7.17 -8.02 -27.61
C2B NAP G . -8.93 -9.04 -26.30
O2B NAP G . -8.72 -10.05 -27.25
C1B NAP G . -8.72 -9.61 -24.90
N9A NAP G . -10.02 -9.66 -24.20
C8A NAP G . -10.81 -8.62 -23.80
N7A NAP G . -11.95 -9.13 -23.26
C5A NAP G . -11.90 -10.49 -23.38
C6A NAP G . -12.77 -11.51 -23.03
N6A NAP G . -14.02 -11.28 -22.64
N1A NAP G . -12.42 -12.81 -23.30
C2A NAP G . -11.21 -13.10 -23.88
N3A NAP G . -10.36 -12.09 -24.24
C4A NAP G . -10.69 -10.82 -23.96
O3 NAP G . -5.05 -4.64 -23.66
PN NAP G . -3.68 -3.81 -23.62
O1N NAP G . -3.94 -2.36 -23.72
O2N NAP G . -2.72 -4.45 -24.57
O5D NAP G . -3.12 -4.13 -22.14
C5D NAP G . -2.73 -5.43 -21.77
C4D NAP G . -2.97 -5.58 -20.28
O4D NAP G . -2.38 -4.48 -19.62
C3D NAP G . -4.45 -5.57 -19.91
O3D NAP G . -4.71 -6.50 -18.88
C2D NAP G . -4.65 -4.17 -19.35
O2D NAP G . -5.66 -4.07 -18.38
C1D NAP G . -3.29 -3.88 -18.75
N1N NAP G . -3.12 -2.42 -18.77
C2N NAP G . -3.00 -1.77 -19.97
C3N NAP G . -2.87 -0.39 -19.94
C7N NAP G . -2.63 0.43 -21.16
O7N NAP G . -2.40 1.80 -20.98
N7N NAP G . -2.64 -0.11 -22.37
C4N NAP G . -2.91 0.27 -18.71
C5N NAP G . -3.08 -0.40 -17.50
C6N NAP G . -3.20 -1.77 -17.57
P2B NAP G . -9.33 -10.13 -28.75
O1X NAP G . -8.88 -11.38 -29.40
O2X NAP G . -10.87 -10.20 -28.68
O3X NAP G . -8.87 -8.90 -29.53
N1 H4B H . -6.95 -2.12 -19.96
C2 H4B H . -7.20 -2.68 -21.18
N2 H4B H . -7.67 -3.91 -21.34
N3 H4B H . -6.97 -1.94 -22.28
C4 H4B H . -6.51 -0.62 -22.25
O4 H4B H . -6.35 -0.04 -23.32
C4A H4B H . -6.28 -0.09 -20.95
C8A H4B H . -6.52 -0.82 -19.81
N5 H4B H . -6.00 1.34 -20.89
N8 H4B H . -6.39 -0.32 -18.58
C6 H4B H . -5.50 1.81 -19.53
C7 H4B H . -6.26 1.13 -18.40
C9 H4B H . -5.29 3.34 -19.51
O9 H4B H . -4.35 3.71 -20.51
C10 H4B H . -6.50 4.28 -19.62
C11 H4B H . -7.02 4.54 -20.99
O10 H4B H . -6.07 5.52 -19.03
C1 EDO I . -6.97 -3.76 -4.06
O1 EDO I . -6.54 -2.90 -3.03
C2 EDO I . -6.34 -5.12 -3.87
O2 EDO I . -4.97 -4.90 -3.64
C1 EDO J . -18.86 -13.19 -10.73
O1 EDO J . -20.12 -13.75 -10.41
C2 EDO J . -18.89 -12.44 -12.05
O2 EDO J . -19.90 -12.90 -12.92
C1 EDO K . -6.26 -12.60 -17.54
O1 EDO K . -6.46 -11.25 -17.87
C2 EDO K . -6.26 -13.38 -18.84
O2 EDO K . -6.05 -14.74 -18.57
PA NAP L . 1.96 23.96 10.85
O1A NAP L . 2.70 24.00 9.58
O2A NAP L . 1.04 25.19 11.00
O5B NAP L . 3.03 23.86 12.04
C5B NAP L . 2.61 23.39 13.31
C4B NAP L . 3.61 23.80 14.37
O4B NAP L . 4.80 23.04 14.30
C3B NAP L . 4.10 25.24 14.26
O3B NAP L . 3.21 26.13 14.88
C2B NAP L . 5.41 25.22 15.01
O2B NAP L . 5.25 25.71 16.33
C1B NAP L . 5.74 23.74 15.08
N9A NAP L . 7.13 23.58 14.64
C8A NAP L . 7.66 23.78 13.39
N7A NAP L . 9.00 23.54 13.46
C5A NAP L . 9.32 23.19 14.73
C6A NAP L . 10.52 22.85 15.38
N6A NAP L . 11.70 22.99 14.78
N1A NAP L . 10.52 22.53 16.71
C2A NAP L . 9.34 22.56 17.41
N3A NAP L . 8.16 22.91 16.78
C4A NAP L . 8.15 23.22 15.47
O3 NAP L . 1.19 22.55 10.94
PN NAP L . -0.34 22.33 10.48
O1N NAP L . -0.62 22.84 9.12
O2N NAP L . -1.24 22.79 11.58
O5D NAP L . -0.37 20.73 10.39
C5D NAP L . -0.28 19.95 11.56
C4D NAP L . 0.33 18.61 11.20
O4D NAP L . -0.39 18.02 10.13
C3D NAP L . 1.77 18.71 10.74
O3D NAP L . 2.45 17.58 11.24
C2D NAP L . 1.67 18.58 9.22
O2D NAP L . 2.76 17.94 8.60
C1D NAP L . 0.45 17.70 9.05
N1N NAP L . -0.16 18.05 7.77
C2N NAP L . -0.76 19.28 7.57
C3N NAP L . -1.33 19.59 6.34
C7N NAP L . -2.14 20.84 6.10
O7N NAP L . -2.81 20.96 4.86
N7N NAP L . -2.30 21.83 6.98
C4N NAP L . -1.28 18.61 5.35
C5N NAP L . -0.66 17.39 5.55
C6N NAP L . -0.09 17.11 6.78
P2B NAP L . 5.52 27.26 16.68
O1X NAP L . 5.33 27.48 18.13
O2X NAP L . 6.96 27.71 16.35
O3X NAP L . 4.56 28.08 15.81
N1 H4B M . 2.94 20.27 6.74
C2 H4B M . 3.16 21.28 7.62
N2 H4B M . 4.02 21.15 8.64
N3 H4B M . 2.49 22.43 7.45
C4 H4B M . 1.57 22.65 6.41
O4 H4B M . 0.99 23.73 6.26
C4A H4B M . 1.38 21.54 5.55
C8A H4B M . 2.06 20.37 5.70
N5 H4B M . 0.52 21.81 4.41
N8 H4B M . 2.01 19.40 4.80
C6 H4B M . 0.25 20.60 3.55
C7 H4B M . 1.45 19.69 3.47
C9 H4B M . -0.41 21.10 2.26
O9 H4B M . -1.54 21.94 2.50
C10 H4B M . 0.57 21.80 1.30
C11 H4B M . 0.23 23.21 0.93
O10 H4B M . 0.59 20.97 0.15
C1 EDO N . -19.85 20.59 3.38
O1 EDO N . -19.09 21.24 4.37
C2 EDO N . -19.92 21.47 2.14
O2 EDO N . -18.76 22.26 1.98
PA NAP O . 25.26 -5.41 5.24
O1A NAP O . 24.61 -5.40 6.56
O2A NAP O . 26.12 -6.67 5.04
O5B NAP O . 26.14 -4.08 5.19
C5B NAP O . 26.45 -3.51 3.94
C4B NAP O . 27.56 -2.48 4.12
O4B NAP O . 27.08 -1.23 4.58
C3B NAP O . 28.62 -2.88 5.14
O3B NAP O . 29.55 -3.76 4.57
C2B NAP O . 29.23 -1.54 5.49
O2B NAP O . 30.45 -1.31 4.82
C1B NAP O . 28.21 -0.53 5.01
N9A NAP O . 27.90 0.37 6.13
C8A NAP O . 27.29 0.08 7.31
N7A NAP O . 27.28 1.24 8.02
C5A NAP O . 27.89 2.24 7.33
C6A NAP O . 28.19 3.57 7.58
N6A NAP O . 28.00 4.10 8.79
N1A NAP O . 28.89 4.31 6.64
C2A NAP O . 29.26 3.74 5.45
N3A NAP O . 28.97 2.42 5.22
C4A NAP O . 28.31 1.68 6.13
O3 NAP O . 24.18 -5.26 4.03
PN NAP O . 23.50 -6.47 3.22
O1N NAP O . 22.97 -7.52 4.12
O2N NAP O . 24.37 -6.86 2.09
O5D NAP O . 22.24 -5.71 2.56
C5D NAP O . 22.42 -4.75 1.54
C4D NAP O . 21.22 -3.81 1.54
O4D NAP O . 20.04 -4.58 1.50
C3D NAP O . 21.16 -3.00 2.84
O3D NAP O . 20.74 -1.68 2.56
C2D NAP O . 20.09 -3.71 3.65
O2D NAP O . 19.34 -2.81 4.44
C1D NAP O . 19.19 -4.27 2.57
N1N NAP O . 18.55 -5.46 3.13
C2N NAP O . 19.29 -6.58 3.43
C3N NAP O . 18.66 -7.67 3.99
C7N NAP O . 19.36 -9.01 4.11
O7N NAP O . 18.64 -10.11 4.58
N7N NAP O . 20.63 -9.17 3.77
C4N NAP O . 17.29 -7.61 4.22
C5N NAP O . 16.54 -6.48 3.91
C6N NAP O . 17.21 -5.38 3.36
P2B NAP O . 31.90 -1.67 5.44
O1X NAP O . 32.94 -1.31 4.46
O2X NAP O . 32.19 -0.90 6.75
O3X NAP O . 31.92 -3.21 5.69
N1 H4B P . 19.80 -4.50 6.71
C2 H4B P . 21.16 -4.44 6.75
N2 H4B P . 21.80 -3.30 6.53
N3 H4B P . 21.86 -5.56 7.02
C4 H4B P . 21.24 -6.80 7.26
O4 H4B P . 21.96 -7.79 7.48
C4A H4B P . 19.82 -6.80 7.20
C8A H4B P . 19.10 -5.67 6.93
N5 H4B P . 19.16 -8.07 7.46
N8 H4B P . 17.78 -5.62 7.01
C6 H4B P . 17.68 -8.11 7.12
C7 H4B P . 17.00 -6.78 7.41
C9 H4B P . 17.05 -9.37 7.74
O9 H4B P . 17.68 -10.56 7.30
C10 H4B P . 16.92 -9.43 9.26
C11 H4B P . 18.10 -10.00 9.94
O10 H4B P . 15.84 -10.34 9.46
C1 EDO Q . 6.95 4.47 4.59
O1 EDO Q . 5.69 3.88 4.79
C2 EDO Q . 6.94 5.29 3.32
O2 EDO Q . 6.62 4.43 2.24
C1 EDO R . 19.27 13.24 10.97
O1 EDO R . 18.97 14.40 11.72
C2 EDO R . 19.85 12.17 11.87
O2 EDO R . 21.25 12.33 11.97
#